data_7QV0
#
_entry.id   7QV0
#
_cell.length_a   94.789
_cell.length_b   94.789
_cell.length_c   158.218
_cell.angle_alpha   90.000
_cell.angle_beta   90.000
_cell.angle_gamma   120.000
#
_symmetry.space_group_name_H-M   'P 32 2 1'
#
loop_
_entity.id
_entity.type
_entity.pdbx_description
1 polymer 'Beta-hydroxyacyl-(Acyl-carrier-protein) dehydratase'
2 polymer 'Acyl carrier protein'
3 non-polymer 'S-[2-[3-[[(2R)-3,3-dimethyl-2-oxidanyl-4-phosphonooxy-butanoyl]amino]propanoylamino]ethyl] (Z)-hex-2-enethioate'
4 water water
#
loop_
_entity_poly.entity_id
_entity_poly.type
_entity_poly.pdbx_seq_one_letter_code
_entity_poly.pdbx_strand_id
1 'polypeptide(L)'
;VNFEEVRELVPQKYPFLFIDKVIELQKESRIVCLKNISGNEPFFAGHFPDFAIMPGVLIVEALAQASIILFKKSFSTEQH
KDKVFLLASANVRFSKPVFPGDQLILEIDIEKVISSAAIVKGVAKVGDKVVTKATLSFGVANKD
;
A,B,C
2 'polypeptide(L)'
;PVENLEKEITAIVAEVTELDENEIWEKRDADFFKDLEIDSLLALEILALIEKKFKVQIPEEKLVDITSLNATIEMTRSTL
EGK
;
D,E,F
#
# COMPACT_ATOMS: atom_id res chain seq x y z
N VAL A 1 3.47 3.25 16.12
CA VAL A 1 4.62 3.26 15.24
C VAL A 1 5.66 4.27 15.77
N ASN A 2 6.94 3.92 15.65
CA ASN A 2 8.02 4.79 16.08
C ASN A 2 9.15 4.81 15.04
N PHE A 3 8.77 4.93 13.76
CA PHE A 3 9.75 4.95 12.69
C PHE A 3 10.45 6.30 12.57
N GLU A 4 9.73 7.39 12.82
CA GLU A 4 10.34 8.71 12.73
C GLU A 4 11.41 8.88 13.79
N GLU A 5 11.26 8.21 14.93
CA GLU A 5 12.31 8.12 15.94
C GLU A 5 13.52 7.36 15.42
N VAL A 6 13.29 6.26 14.69
CA VAL A 6 14.38 5.48 14.12
C VAL A 6 15.13 6.28 13.06
N ARG A 7 14.44 7.20 12.38
CA ARG A 7 15.08 7.96 11.32
C ARG A 7 16.15 8.90 11.87
N GLU A 8 15.98 9.37 13.11
CA GLU A 8 17.03 10.17 13.73
C GLU A 8 18.00 9.30 14.51
N LEU A 9 17.50 8.25 15.17
CA LEU A 9 18.37 7.37 15.94
C LEU A 9 19.38 6.70 15.02
N VAL A 10 18.89 5.92 14.05
CA VAL A 10 19.73 5.41 12.98
C VAL A 10 20.07 6.57 12.05
N PRO A 11 21.35 6.89 11.86
CA PRO A 11 21.71 7.90 10.86
C PRO A 11 21.59 7.40 9.44
N GLN A 12 21.52 6.09 9.23
CA GLN A 12 21.51 5.51 7.88
C GLN A 12 20.23 5.91 7.14
N LYS A 13 20.39 6.63 6.04
CA LYS A 13 19.24 6.99 5.22
C LYS A 13 19.09 5.97 4.08
N TYR A 14 18.07 6.19 3.26
CA TYR A 14 17.85 5.36 2.10
C TYR A 14 19.09 5.37 1.20
N PRO A 15 19.40 4.24 0.54
CA PRO A 15 18.73 2.93 0.56
C PRO A 15 19.40 1.89 1.45
N PHE A 16 19.83 2.28 2.64
CA PHE A 16 20.56 1.36 3.52
C PHE A 16 19.95 1.34 4.91
N LEU A 17 18.65 1.58 5.02
CA LEU A 17 17.94 1.54 6.30
C LEU A 17 17.20 0.21 6.39
N PHE A 18 17.52 -0.57 7.42
CA PHE A 18 16.97 -1.91 7.60
C PHE A 18 16.26 -2.02 8.95
N ILE A 19 15.74 -0.92 9.44
CA ILE A 19 14.86 -0.90 10.61
C ILE A 19 13.63 -0.07 10.26
N ASP A 20 12.45 -0.58 10.66
CA ASP A 20 11.20 0.12 10.44
C ASP A 20 10.48 0.49 11.73
N LYS A 21 10.59 -0.33 12.76
CA LYS A 21 9.88 -0.09 14.01
C LYS A 21 10.62 -0.77 15.14
N VAL A 22 10.58 -0.17 16.32
CA VAL A 22 11.10 -0.80 17.53
C VAL A 22 9.92 -1.37 18.30
N ILE A 23 9.73 -2.68 18.23
CA ILE A 23 8.70 -3.34 19.02
C ILE A 23 8.95 -3.10 20.50
N GLU A 24 10.11 -3.52 21.00
CA GLU A 24 10.43 -3.45 22.41
C GLU A 24 11.85 -2.97 22.62
N LEU A 25 12.06 -2.31 23.74
CA LEU A 25 13.39 -1.81 24.10
C LEU A 25 13.57 -1.92 25.60
N GLN A 26 14.40 -2.87 26.03
CA GLN A 26 14.85 -2.97 27.40
C GLN A 26 16.26 -2.40 27.46
N LYS A 27 16.40 -1.25 28.13
CA LYS A 27 17.68 -0.55 28.13
C LYS A 27 18.79 -1.41 28.70
N GLU A 28 19.95 -1.38 28.03
CA GLU A 28 21.17 -2.06 28.42
C GLU A 28 21.07 -3.58 28.38
N SER A 29 19.95 -4.14 27.91
CA SER A 29 19.91 -5.59 27.76
C SER A 29 19.45 -6.08 26.39
N ARG A 30 18.40 -5.50 25.82
CA ARG A 30 17.67 -6.22 24.78
C ARG A 30 16.89 -5.24 23.92
N ILE A 31 16.85 -5.53 22.62
CA ILE A 31 16.01 -4.78 21.70
C ILE A 31 15.37 -5.74 20.70
N VAL A 32 14.16 -5.40 20.27
CA VAL A 32 13.41 -6.18 19.29
C VAL A 32 12.92 -5.19 18.23
N CYS A 33 13.46 -5.30 17.01
CA CYS A 33 13.09 -4.43 15.91
C CYS A 33 12.37 -5.22 14.83
N LEU A 34 11.68 -4.50 13.96
CA LEU A 34 10.91 -5.08 12.87
C LEU A 34 11.39 -4.53 11.55
N LYS A 35 11.53 -5.41 10.55
CA LYS A 35 11.83 -5.03 9.19
C LYS A 35 10.80 -5.70 8.27
N ASN A 36 9.93 -4.89 7.66
CA ASN A 36 9.08 -5.42 6.61
C ASN A 36 9.89 -5.62 5.34
N ILE A 37 9.75 -6.79 4.75
CA ILE A 37 10.50 -7.17 3.56
C ILE A 37 9.54 -7.22 2.38
N SER A 38 9.85 -6.42 1.36
CA SER A 38 9.07 -6.35 0.14
C SER A 38 9.96 -6.66 -1.06
N GLY A 39 9.32 -7.04 -2.16
CA GLY A 39 10.03 -7.22 -3.40
C GLY A 39 10.41 -5.92 -4.08
N ASN A 40 9.96 -4.79 -3.55
CA ASN A 40 10.27 -3.47 -4.10
C ASN A 40 11.49 -2.86 -3.44
N GLU A 41 12.58 -3.62 -3.43
CA GLU A 41 13.86 -3.16 -2.92
C GLU A 41 14.94 -3.48 -3.95
N PRO A 42 16.00 -2.68 -4.00
CA PRO A 42 16.97 -2.83 -5.10
C PRO A 42 17.79 -4.10 -5.05
N PHE A 43 18.08 -4.66 -3.86
CA PHE A 43 18.93 -5.85 -3.82
C PHE A 43 18.22 -7.11 -4.27
N PHE A 44 16.88 -7.16 -4.19
CA PHE A 44 16.17 -8.33 -4.68
C PHE A 44 16.35 -8.48 -6.19
N ALA A 45 16.25 -7.38 -6.93
CA ALA A 45 16.52 -7.39 -8.35
C ALA A 45 18.01 -7.41 -8.65
N GLY A 46 18.84 -6.95 -7.71
CA GLY A 46 20.28 -6.95 -7.90
C GLY A 46 20.98 -8.24 -7.53
N HIS A 47 20.41 -9.00 -6.62
CA HIS A 47 20.99 -10.29 -6.21
C HIS A 47 20.17 -11.41 -6.81
N PHE A 48 20.72 -12.08 -7.81
CA PHE A 48 20.08 -13.22 -8.46
C PHE A 48 18.67 -12.86 -8.92
N PRO A 49 18.53 -12.10 -10.01
CA PRO A 49 17.20 -11.59 -10.38
C PRO A 49 16.19 -12.67 -10.76
N ASP A 50 16.64 -13.87 -11.13
CA ASP A 50 15.68 -14.90 -11.53
C ASP A 50 14.92 -15.46 -10.34
N PHE A 51 15.41 -15.22 -9.13
CA PHE A 51 14.74 -15.65 -7.91
C PHE A 51 15.02 -14.64 -6.79
N ALA A 52 13.96 -14.07 -6.23
CA ALA A 52 14.07 -13.09 -5.17
C ALA A 52 14.35 -13.80 -3.85
N ILE A 53 15.52 -13.56 -3.28
CA ILE A 53 15.90 -14.08 -1.98
C ILE A 53 16.86 -13.09 -1.33
N MET A 54 16.51 -12.60 -0.15
CA MET A 54 17.29 -11.54 0.46
C MET A 54 18.68 -12.03 0.81
N PRO A 55 19.74 -11.29 0.46
CA PRO A 55 21.09 -11.67 0.88
C PRO A 55 21.20 -11.67 2.39
N GLY A 56 21.91 -12.68 2.92
CA GLY A 56 22.03 -12.80 4.36
C GLY A 56 22.82 -11.67 5.00
N VAL A 57 23.79 -11.14 4.27
CA VAL A 57 24.61 -10.05 4.81
C VAL A 57 23.74 -8.85 5.17
N LEU A 58 22.62 -8.68 4.48
CA LEU A 58 21.71 -7.59 4.80
C LEU A 58 20.91 -7.88 6.06
N ILE A 59 20.62 -9.16 6.34
CA ILE A 59 20.05 -9.50 7.64
C ILE A 59 21.06 -9.20 8.75
N VAL A 60 22.34 -9.48 8.50
CA VAL A 60 23.37 -9.12 9.46
C VAL A 60 23.43 -7.61 9.65
N GLU A 61 23.27 -6.84 8.58
CA GLU A 61 23.26 -5.38 8.71
C GLU A 61 22.04 -4.88 9.47
N ALA A 62 20.89 -5.52 9.29
CA ALA A 62 19.71 -5.17 10.09
C ALA A 62 19.95 -5.47 11.57
N LEU A 63 20.58 -6.61 11.86
CA LEU A 63 20.96 -6.94 13.23
C LEU A 63 21.90 -5.88 13.80
N ALA A 64 22.86 -5.42 13.00
CA ALA A 64 23.79 -4.39 13.46
C ALA A 64 23.10 -3.05 13.68
N GLN A 65 22.11 -2.71 12.84
CA GLN A 65 21.40 -1.45 13.02
C GLN A 65 20.52 -1.49 14.27
N ALA A 66 19.89 -2.62 14.54
CA ALA A 66 19.17 -2.79 15.79
C ALA A 66 20.12 -2.67 16.98
N SER A 67 21.31 -3.27 16.87
CA SER A 67 22.30 -3.17 17.92
C SER A 67 22.70 -1.72 18.18
N ILE A 68 22.88 -0.95 17.12
CA ILE A 68 23.27 0.45 17.28
C ILE A 68 22.11 1.28 17.85
N ILE A 69 20.86 0.95 17.51
CA ILE A 69 19.73 1.61 18.15
C ILE A 69 19.75 1.36 19.65
N LEU A 70 19.95 0.10 20.04
CA LEU A 70 20.05 -0.26 21.45
C LEU A 70 21.18 0.51 22.13
N PHE A 71 22.33 0.61 21.45
CA PHE A 71 23.46 1.35 22.01
C PHE A 71 23.11 2.82 22.21
N LYS A 72 22.59 3.47 21.18
CA LYS A 72 22.39 4.91 21.22
C LYS A 72 21.29 5.31 22.20
N LYS A 73 20.25 4.47 22.33
CA LYS A 73 19.22 4.75 23.32
C LYS A 73 19.63 4.32 24.72
N SER A 74 20.47 3.28 24.84
CA SER A 74 20.85 2.73 26.12
C SER A 74 22.34 2.40 26.09
N PHE A 75 23.17 3.35 26.53
CA PHE A 75 24.62 3.20 26.41
C PHE A 75 25.17 2.06 27.24
N LYS A 81 27.88 13.05 26.90
CA LYS A 81 27.92 11.66 26.48
C LYS A 81 27.52 11.51 25.01
N ASP A 82 28.49 11.13 24.18
CA ASP A 82 28.24 10.91 22.76
C ASP A 82 29.42 10.22 22.09
N LYS A 83 29.18 9.13 21.36
CA LYS A 83 30.25 8.38 20.69
C LYS A 83 29.68 7.73 19.43
N VAL A 84 30.56 7.01 18.71
CA VAL A 84 30.20 6.28 17.51
C VAL A 84 30.57 4.81 17.70
N PHE A 85 29.89 3.93 16.97
CA PHE A 85 30.02 2.49 17.14
C PHE A 85 30.38 1.84 15.81
N LEU A 86 31.55 1.21 15.75
CA LEU A 86 32.03 0.56 14.54
C LEU A 86 31.95 -0.95 14.69
N LEU A 87 31.37 -1.61 13.69
CA LEU A 87 31.25 -3.06 13.72
C LEU A 87 32.61 -3.72 13.59
N ALA A 88 32.97 -4.52 14.59
CA ALA A 88 34.28 -5.17 14.65
C ALA A 88 34.24 -6.61 14.14
N SER A 89 33.18 -7.35 14.44
CA SER A 89 33.13 -8.73 13.97
C SER A 89 31.69 -9.23 13.90
N ALA A 90 31.49 -10.19 13.02
CA ALA A 90 30.23 -10.88 12.87
C ALA A 90 30.50 -12.36 12.68
N ASN A 91 29.86 -13.17 13.53
CA ASN A 91 29.92 -14.63 13.45
C ASN A 91 28.47 -15.09 13.28
N VAL A 92 28.10 -15.40 12.04
CA VAL A 92 26.70 -15.54 11.66
C VAL A 92 26.45 -16.96 11.18
N ARG A 93 25.21 -17.40 11.35
CA ARG A 93 24.73 -18.73 10.99
C ARG A 93 23.39 -18.54 10.28
N PHE A 94 23.37 -18.81 8.97
CA PHE A 94 22.19 -18.60 8.12
C PHE A 94 21.38 -19.89 8.09
N SER A 95 20.23 -19.88 8.75
CA SER A 95 19.43 -21.08 8.91
C SER A 95 18.47 -21.30 7.74
N LYS A 96 17.68 -20.29 7.40
CA LYS A 96 16.65 -20.45 6.39
C LYS A 96 16.53 -19.19 5.55
N PRO A 97 16.13 -19.33 4.29
CA PRO A 97 16.00 -18.15 3.43
C PRO A 97 14.88 -17.23 3.87
N VAL A 98 14.94 -15.99 3.41
CA VAL A 98 13.93 -14.98 3.68
C VAL A 98 13.43 -14.41 2.36
N PHE A 99 12.13 -14.25 2.25
CA PHE A 99 11.45 -13.91 1.01
C PHE A 99 10.62 -12.65 1.16
N PRO A 100 10.24 -12.01 0.06
CA PRO A 100 9.34 -10.85 0.14
C PRO A 100 8.02 -11.22 0.80
N GLY A 101 7.45 -10.24 1.50
CA GLY A 101 6.27 -10.47 2.31
C GLY A 101 6.54 -10.94 3.72
N ASP A 102 7.81 -11.08 4.11
CA ASP A 102 8.14 -11.55 5.45
C ASP A 102 8.31 -10.39 6.41
N GLN A 103 7.79 -10.55 7.63
CA GLN A 103 8.17 -9.68 8.73
C GLN A 103 9.39 -10.25 9.44
N LEU A 104 10.49 -9.51 9.40
CA LEU A 104 11.77 -9.98 9.91
C LEU A 104 11.97 -9.34 11.28
N ILE A 105 11.98 -10.17 12.33
CA ILE A 105 12.10 -9.70 13.71
C ILE A 105 13.55 -9.84 14.14
N LEU A 106 14.16 -8.71 14.50
CA LEU A 106 15.56 -8.64 14.88
C LEU A 106 15.63 -8.57 16.41
N GLU A 107 16.32 -9.52 17.03
CA GLU A 107 16.38 -9.62 18.50
C GLU A 107 17.83 -9.55 18.94
N ILE A 108 18.18 -8.45 19.59
CA ILE A 108 19.53 -8.24 20.12
C ILE A 108 19.50 -8.41 21.64
N ASP A 109 20.44 -9.21 22.16
CA ASP A 109 20.71 -9.31 23.58
C ASP A 109 22.18 -9.00 23.80
N ILE A 110 22.48 -8.02 24.65
CA ILE A 110 23.87 -7.68 24.94
C ILE A 110 24.49 -8.74 25.85
N GLU A 111 25.74 -9.08 25.57
CA GLU A 111 26.54 -9.98 26.41
C GLU A 111 27.51 -9.19 27.28
N LYS A 112 28.33 -8.32 26.69
CA LYS A 112 29.34 -7.58 27.42
C LYS A 112 29.41 -6.15 26.89
N VAL A 113 29.70 -5.21 27.79
CA VAL A 113 29.85 -3.80 27.41
C VAL A 113 31.13 -3.28 28.04
N ILE A 114 31.95 -2.63 27.22
CA ILE A 114 33.17 -1.97 27.65
C ILE A 114 33.08 -0.50 27.27
N SER A 115 33.94 0.31 27.90
CA SER A 115 34.15 1.69 27.52
C SER A 115 34.51 1.79 26.03
N SER A 116 35.17 0.75 25.51
CA SER A 116 35.68 0.75 24.16
C SER A 116 35.18 -0.40 23.30
N ALA A 117 34.31 -1.27 23.81
CA ALA A 117 33.90 -2.44 23.06
C ALA A 117 32.55 -2.93 23.55
N ALA A 118 31.89 -3.74 22.72
CA ALA A 118 30.63 -4.36 23.11
C ALA A 118 30.42 -5.63 22.31
N ILE A 119 29.77 -6.62 22.91
CA ILE A 119 29.42 -7.86 22.25
C ILE A 119 27.92 -8.08 22.40
N VAL A 120 27.25 -8.35 21.28
CA VAL A 120 25.82 -8.62 21.27
C VAL A 120 25.58 -9.96 20.58
N LYS A 121 24.42 -10.54 20.88
CA LYS A 121 23.99 -11.79 20.28
C LYS A 121 22.57 -11.57 19.75
N GLY A 122 22.42 -11.71 18.45
CA GLY A 122 21.15 -11.46 17.79
C GLY A 122 20.60 -12.72 17.14
N VAL A 123 19.29 -12.80 17.09
CA VAL A 123 18.59 -13.76 16.25
C VAL A 123 17.55 -13.02 15.43
N ALA A 124 17.39 -13.43 14.17
CA ALA A 124 16.36 -12.88 13.31
C ALA A 124 15.34 -13.96 13.00
N LYS A 125 14.07 -13.65 13.20
CA LYS A 125 13.00 -14.62 13.12
C LYS A 125 11.94 -14.18 12.12
N VAL A 126 11.27 -15.18 11.52
CA VAL A 126 10.12 -14.95 10.65
C VAL A 126 9.00 -15.81 11.22
N GLY A 127 8.17 -15.21 12.07
CA GLY A 127 7.21 -16.00 12.82
C GLY A 127 7.93 -16.86 13.85
N ASP A 128 7.61 -18.15 13.85
CA ASP A 128 8.30 -19.08 14.74
C ASP A 128 9.67 -19.48 14.21
N LYS A 129 9.95 -19.25 12.93
CA LYS A 129 11.20 -19.67 12.32
C LYS A 129 12.35 -18.82 12.81
N VAL A 130 13.48 -19.45 13.13
CA VAL A 130 14.74 -18.75 13.26
C VAL A 130 15.52 -18.92 11.96
N VAL A 131 15.94 -17.81 11.37
CA VAL A 131 16.61 -17.86 10.07
C VAL A 131 18.07 -17.44 10.15
N THR A 132 18.47 -16.63 11.13
CA THR A 132 19.87 -16.28 11.31
C THR A 132 20.15 -16.11 12.80
N LYS A 133 21.30 -16.65 13.22
CA LYS A 133 21.88 -16.41 14.53
C LYS A 133 23.19 -15.67 14.32
N ALA A 134 23.52 -14.75 15.21
CA ALA A 134 24.74 -13.98 14.99
C ALA A 134 25.32 -13.51 16.31
N THR A 135 26.64 -13.56 16.41
CA THR A 135 27.37 -12.88 17.47
C THR A 135 28.13 -11.71 16.85
N LEU A 136 27.82 -10.51 17.30
CA LEU A 136 28.41 -9.30 16.75
C LEU A 136 29.24 -8.60 17.83
N SER A 137 30.28 -7.91 17.38
CA SER A 137 31.13 -7.17 18.28
C SER A 137 31.45 -5.82 17.67
N PHE A 138 31.42 -4.78 18.50
CA PHE A 138 31.51 -3.39 18.11
C PHE A 138 32.61 -2.69 18.88
N GLY A 139 33.23 -1.70 18.24
CA GLY A 139 34.18 -0.80 18.89
C GLY A 139 33.75 0.65 18.78
N VAL A 140 34.45 1.50 19.54
CA VAL A 140 34.19 2.94 19.52
C VAL A 140 35.38 3.63 18.88
N ALA A 141 35.12 4.63 18.03
CA ALA A 141 36.21 5.40 17.44
C ALA A 141 35.89 6.88 17.27
N ASN A 142 34.89 7.38 18.00
CA ASN A 142 34.52 8.79 17.91
C ASN A 142 35.72 9.62 18.35
N LYS A 143 36.32 10.34 17.39
CA LYS A 143 37.47 11.16 17.72
C LYS A 143 37.04 12.44 18.42
N ASP A 144 36.07 13.15 17.85
CA ASP A 144 35.48 14.35 18.44
C ASP A 144 34.36 14.87 17.58
N VAL B 1 6.61 30.72 -9.32
CA VAL B 1 6.59 30.42 -10.74
C VAL B 1 7.87 29.70 -11.14
N ASN B 2 8.98 30.10 -10.52
CA ASN B 2 10.28 29.53 -10.84
C ASN B 2 10.44 28.18 -10.19
N PHE B 3 11.07 27.25 -10.92
CA PHE B 3 11.22 25.88 -10.45
C PHE B 3 12.01 25.82 -9.14
N GLU B 4 12.71 26.91 -8.81
CA GLU B 4 13.47 26.99 -7.57
C GLU B 4 12.64 27.54 -6.43
N GLU B 5 11.53 28.23 -6.73
CA GLU B 5 10.57 28.56 -5.71
C GLU B 5 9.74 27.33 -5.34
N VAL B 6 9.57 26.41 -6.29
CA VAL B 6 8.83 25.18 -6.07
C VAL B 6 9.62 24.27 -5.14
N ARG B 7 10.88 24.61 -4.89
CA ARG B 7 11.71 23.81 -3.98
C ARG B 7 11.17 23.82 -2.57
N GLU B 8 11.00 25.02 -2.00
CA GLU B 8 10.59 25.13 -0.61
C GLU B 8 9.08 25.18 -0.46
N LEU B 9 8.40 25.78 -1.44
CA LEU B 9 6.95 25.81 -1.48
C LEU B 9 6.40 24.40 -1.46
N VAL B 10 6.97 23.53 -2.30
CA VAL B 10 6.52 22.15 -2.38
C VAL B 10 7.62 21.25 -1.84
N PRO B 11 7.39 20.58 -0.70
CA PRO B 11 8.47 19.78 -0.09
C PRO B 11 8.83 18.53 -0.86
N GLN B 12 7.98 18.09 -1.77
CA GLN B 12 8.26 16.88 -2.55
C GLN B 12 9.59 17.02 -3.29
N LYS B 13 10.52 16.13 -3.00
CA LYS B 13 11.86 16.19 -3.55
C LYS B 13 12.06 15.09 -4.58
N TYR B 14 13.32 14.95 -5.01
CA TYR B 14 13.68 14.44 -6.33
C TYR B 14 12.83 13.27 -6.82
N PRO B 15 12.84 12.09 -6.18
CA PRO B 15 12.28 10.92 -6.87
C PRO B 15 10.77 10.93 -6.98
N PHE B 16 10.08 11.86 -6.32
CA PHE B 16 8.63 11.88 -6.32
C PHE B 16 8.10 13.29 -6.55
N LEU B 17 8.75 14.04 -7.43
CA LEU B 17 8.32 15.39 -7.78
C LEU B 17 7.80 15.37 -9.22
N PHE B 18 6.55 15.80 -9.39
CA PHE B 18 5.90 15.74 -10.70
C PHE B 18 5.38 17.10 -11.11
N ILE B 19 6.19 18.14 -10.94
CA ILE B 19 5.87 19.49 -11.42
C ILE B 19 7.16 20.20 -11.78
N ASP B 20 7.15 20.86 -12.94
CA ASP B 20 8.31 21.58 -13.44
C ASP B 20 8.13 23.09 -13.44
N LYS B 21 6.98 23.60 -13.87
CA LYS B 21 6.82 25.04 -14.03
C LYS B 21 5.39 25.45 -13.71
N VAL B 22 5.20 26.71 -13.37
CA VAL B 22 3.87 27.27 -13.14
C VAL B 22 3.52 28.22 -14.28
N ILE B 23 2.53 27.84 -15.10
CA ILE B 23 2.17 28.63 -16.27
C ILE B 23 1.39 29.87 -15.83
N GLU B 24 0.23 29.67 -15.21
CA GLU B 24 -0.54 30.74 -14.62
C GLU B 24 -0.71 30.49 -13.13
N LEU B 25 -1.13 31.55 -12.43
CA LEU B 25 -1.59 31.40 -11.05
C LEU B 25 -2.53 32.55 -10.75
N GLN B 26 -3.82 32.24 -10.70
CA GLN B 26 -4.86 33.17 -10.28
C GLN B 26 -5.28 32.75 -8.88
N LYS B 27 -4.91 33.54 -7.87
CA LYS B 27 -4.98 33.07 -6.50
C LYS B 27 -6.40 32.79 -6.05
N GLU B 28 -6.57 31.68 -5.33
CA GLU B 28 -7.82 31.25 -4.72
C GLU B 28 -8.87 30.86 -5.74
N SER B 29 -8.52 30.87 -7.02
CA SER B 29 -9.45 30.42 -8.05
C SER B 29 -8.89 29.27 -8.89
N ARG B 30 -7.65 29.40 -9.36
CA ARG B 30 -7.17 28.51 -10.40
C ARG B 30 -5.65 28.59 -10.53
N ILE B 31 -5.01 27.45 -10.78
CA ILE B 31 -3.60 27.37 -11.11
C ILE B 31 -3.44 26.38 -12.25
N VAL B 32 -2.35 26.52 -13.00
CA VAL B 32 -2.04 25.59 -14.08
C VAL B 32 -0.53 25.37 -14.09
N CYS B 33 -0.14 24.10 -14.12
CA CYS B 33 1.26 23.74 -13.99
C CYS B 33 1.70 22.86 -15.16
N LEU B 34 3.00 22.88 -15.40
CA LEU B 34 3.64 22.10 -16.45
C LEU B 34 4.50 21.03 -15.79
N LYS B 35 4.19 19.77 -16.08
CA LYS B 35 5.05 18.64 -15.75
C LYS B 35 5.51 18.07 -17.08
N ASN B 36 6.80 18.23 -17.36
CA ASN B 36 7.36 17.70 -18.59
C ASN B 36 7.83 16.28 -18.34
N ILE B 37 7.34 15.33 -19.11
CA ILE B 37 7.63 13.92 -18.86
C ILE B 37 8.58 13.41 -19.93
N SER B 38 9.52 12.56 -19.52
CA SER B 38 10.56 12.04 -20.37
C SER B 38 10.70 10.53 -20.17
N GLY B 39 11.28 9.87 -21.17
CA GLY B 39 11.56 8.46 -21.05
C GLY B 39 12.59 8.08 -20.01
N ASN B 40 13.29 9.06 -19.45
CA ASN B 40 14.30 8.83 -18.41
C ASN B 40 13.68 8.93 -17.00
N GLU B 41 12.60 8.20 -16.78
CA GLU B 41 11.93 8.14 -15.48
C GLU B 41 11.92 6.70 -14.99
N PRO B 42 11.99 6.48 -13.67
CA PRO B 42 12.07 5.10 -13.15
C PRO B 42 10.78 4.31 -13.33
N PHE B 43 9.62 4.94 -13.22
CA PHE B 43 8.37 4.21 -13.35
C PHE B 43 8.14 3.66 -14.76
N PHE B 44 8.69 4.31 -15.79
CA PHE B 44 8.55 3.78 -17.13
C PHE B 44 9.18 2.40 -17.25
N ALA B 45 10.42 2.25 -16.80
CA ALA B 45 11.03 0.93 -16.76
C ALA B 45 10.37 0.01 -15.75
N GLY B 46 9.75 0.58 -14.70
CA GLY B 46 8.98 -0.24 -13.78
C GLY B 46 7.61 -0.63 -14.28
N HIS B 47 6.93 0.26 -15.00
CA HIS B 47 5.56 0.03 -15.46
C HIS B 47 5.62 -0.55 -16.88
N PHE B 48 5.16 -1.79 -17.03
CA PHE B 48 5.01 -2.42 -18.34
C PHE B 48 6.29 -2.32 -19.14
N PRO B 49 7.31 -3.15 -18.83
CA PRO B 49 8.68 -2.83 -19.24
C PRO B 49 8.88 -2.58 -20.72
N ASP B 50 8.12 -3.23 -21.59
CA ASP B 50 8.40 -3.11 -23.03
C ASP B 50 7.94 -1.77 -23.58
N PHE B 51 6.67 -1.40 -23.39
CA PHE B 51 6.17 -0.15 -23.91
C PHE B 51 6.05 0.87 -22.79
N ALA B 52 6.59 2.06 -23.04
CA ALA B 52 6.67 3.10 -22.01
C ALA B 52 5.37 3.88 -22.00
N ILE B 53 4.65 3.81 -20.87
CA ILE B 53 3.41 4.55 -20.69
C ILE B 53 3.31 4.94 -19.21
N MET B 54 3.24 6.24 -18.94
CA MET B 54 3.27 6.68 -17.56
C MET B 54 1.95 6.37 -16.89
N PRO B 55 1.96 5.92 -15.63
CA PRO B 55 0.72 5.46 -15.00
C PRO B 55 -0.15 6.63 -14.55
N GLY B 56 -1.46 6.42 -14.60
CA GLY B 56 -2.39 7.49 -14.27
C GLY B 56 -2.32 7.91 -12.82
N VAL B 57 -1.87 6.99 -11.97
CA VAL B 57 -1.67 7.31 -10.55
C VAL B 57 -0.73 8.50 -10.38
N LEU B 58 0.33 8.55 -11.20
CA LEU B 58 1.26 9.67 -11.09
C LEU B 58 0.70 10.94 -11.73
N ILE B 59 -0.18 10.82 -12.74
CA ILE B 59 -0.86 12.00 -13.25
C ILE B 59 -1.76 12.60 -12.16
N VAL B 60 -2.47 11.75 -11.42
CA VAL B 60 -3.24 12.23 -10.29
C VAL B 60 -2.34 12.86 -9.24
N GLU B 61 -1.17 12.26 -9.01
CA GLU B 61 -0.22 12.83 -8.06
C GLU B 61 0.23 14.23 -8.47
N ALA B 62 0.50 14.43 -9.77
CA ALA B 62 0.91 15.73 -10.26
C ALA B 62 -0.22 16.75 -10.13
N LEU B 63 -1.46 16.30 -10.38
CA LEU B 63 -2.61 17.17 -10.14
C LEU B 63 -2.69 17.60 -8.69
N ALA B 64 -2.47 16.66 -7.76
CA ALA B 64 -2.50 17.00 -6.34
C ALA B 64 -1.37 17.94 -5.96
N GLN B 65 -0.20 17.76 -6.56
CA GLN B 65 0.92 18.65 -6.27
C GLN B 65 0.66 20.05 -6.81
N ALA B 66 -0.10 20.16 -7.90
CA ALA B 66 -0.54 21.48 -8.36
C ALA B 66 -1.55 22.08 -7.40
N SER B 67 -2.47 21.26 -6.90
CA SER B 67 -3.44 21.75 -5.93
C SER B 67 -2.76 22.30 -4.68
N ILE B 68 -1.70 21.64 -4.21
CA ILE B 68 -1.05 22.10 -2.98
C ILE B 68 -0.33 23.43 -3.20
N ILE B 69 0.35 23.60 -4.33
CA ILE B 69 1.02 24.87 -4.60
C ILE B 69 -0.02 25.97 -4.78
N LEU B 70 -1.18 25.65 -5.37
CA LEU B 70 -2.27 26.60 -5.38
C LEU B 70 -2.67 26.99 -3.95
N PHE B 71 -2.75 26.00 -3.06
CA PHE B 71 -3.21 26.26 -1.70
C PHE B 71 -2.23 27.14 -0.93
N LYS B 72 -0.93 26.99 -1.21
CA LYS B 72 0.06 27.57 -0.32
C LYS B 72 0.31 29.06 -0.54
N LYS B 73 -0.25 29.66 -1.60
CA LYS B 73 0.11 31.02 -1.98
C LYS B 73 -0.70 32.12 -1.26
N SER B 74 -1.80 31.79 -0.59
CA SER B 74 -2.51 32.78 0.21
C SER B 74 -2.83 32.31 1.62
N PHE B 75 -3.13 31.03 1.81
CA PHE B 75 -3.49 30.48 3.10
C PHE B 75 -2.26 30.22 3.96
N SER B 76 -1.08 30.62 3.47
CA SER B 76 0.18 30.40 4.16
C SER B 76 0.21 31.07 5.53
N THR B 77 0.95 30.48 6.46
CA THR B 77 1.19 30.99 7.81
C THR B 77 -0.07 31.60 8.44
N LYS B 83 -1.39 21.89 9.17
CA LYS B 83 -1.54 22.67 7.94
C LYS B 83 -0.86 21.96 6.78
N VAL B 84 -1.06 20.65 6.70
CA VAL B 84 -0.25 19.79 5.83
C VAL B 84 -0.95 19.53 4.51
N PHE B 85 -2.26 19.75 4.47
CA PHE B 85 -3.04 19.50 3.26
C PHE B 85 -2.92 18.06 2.79
N LEU B 86 -3.47 17.12 3.56
CA LEU B 86 -3.50 15.71 3.20
C LEU B 86 -4.58 15.45 2.17
N LEU B 87 -4.24 14.71 1.12
CA LEU B 87 -5.20 14.31 0.10
C LEU B 87 -6.21 13.32 0.65
N ALA B 88 -7.48 13.72 0.71
CA ALA B 88 -8.54 12.91 1.31
C ALA B 88 -9.29 12.04 0.31
N SER B 89 -9.53 12.52 -0.90
CA SER B 89 -10.30 11.72 -1.85
C SER B 89 -9.96 12.12 -3.27
N ALA B 90 -10.22 11.19 -4.20
CA ALA B 90 -10.00 11.43 -5.61
C ALA B 90 -10.99 10.63 -6.44
N ASN B 91 -11.75 11.31 -7.29
CA ASN B 91 -12.65 10.68 -8.26
C ASN B 91 -12.09 11.02 -9.63
N VAL B 92 -11.46 10.03 -10.27
CA VAL B 92 -10.63 10.26 -11.45
C VAL B 92 -11.12 9.42 -12.61
N ARG B 93 -11.08 10.02 -13.80
CA ARG B 93 -11.28 9.31 -15.06
C ARG B 93 -10.05 9.52 -15.92
N PHE B 94 -9.50 8.42 -16.45
CA PHE B 94 -8.30 8.44 -17.28
C PHE B 94 -8.73 8.29 -18.72
N SER B 95 -8.47 9.32 -19.52
CA SER B 95 -9.00 9.35 -20.88
C SER B 95 -8.02 8.73 -21.87
N LYS B 96 -6.83 9.30 -22.00
CA LYS B 96 -5.89 8.89 -23.03
C LYS B 96 -4.52 8.69 -22.44
N PRO B 97 -3.77 7.70 -22.91
CA PRO B 97 -2.39 7.49 -22.45
C PRO B 97 -1.51 8.71 -22.68
N VAL B 98 -0.45 8.79 -21.90
CA VAL B 98 0.50 9.90 -21.92
C VAL B 98 1.90 9.32 -22.03
N PHE B 99 2.66 9.79 -23.01
CA PHE B 99 3.90 9.16 -23.44
C PHE B 99 5.08 10.11 -23.26
N PRO B 100 6.32 9.60 -23.30
CA PRO B 100 7.48 10.47 -23.21
C PRO B 100 7.54 11.50 -24.33
N GLY B 101 7.95 12.71 -23.98
CA GLY B 101 7.89 13.85 -24.87
C GLY B 101 6.64 14.69 -24.75
N ASP B 102 5.60 14.17 -24.12
CA ASP B 102 4.38 14.93 -23.92
C ASP B 102 4.56 15.93 -22.78
N GLN B 103 4.13 17.17 -22.99
CA GLN B 103 4.04 18.14 -21.92
C GLN B 103 2.68 17.98 -21.25
N LEU B 104 2.66 17.59 -19.97
CA LEU B 104 1.40 17.44 -19.26
C LEU B 104 1.08 18.75 -18.56
N ILE B 105 0.00 19.40 -19.00
CA ILE B 105 -0.48 20.62 -18.36
C ILE B 105 -1.61 20.23 -17.42
N LEU B 106 -1.54 20.74 -16.19
CA LEU B 106 -2.44 20.36 -15.12
C LEU B 106 -3.15 21.60 -14.61
N GLU B 107 -4.45 21.69 -14.88
CA GLU B 107 -5.27 22.85 -14.50
C GLU B 107 -6.09 22.47 -13.27
N ILE B 108 -5.82 23.14 -12.17
CA ILE B 108 -6.48 22.96 -10.89
C ILE B 108 -7.39 24.16 -10.62
N ASP B 109 -8.65 23.89 -10.29
CA ASP B 109 -9.63 24.92 -10.00
C ASP B 109 -10.22 24.65 -8.63
N ILE B 110 -10.43 25.71 -7.85
CA ILE B 110 -11.06 25.54 -6.55
C ILE B 110 -12.57 25.46 -6.72
N GLU B 111 -13.20 24.58 -5.95
CA GLU B 111 -14.66 24.52 -5.87
C GLU B 111 -15.14 24.88 -4.47
N LYS B 112 -14.30 24.68 -3.46
CA LYS B 112 -14.67 24.93 -2.08
C LYS B 112 -13.42 24.99 -1.23
N VAL B 113 -13.40 25.93 -0.29
CA VAL B 113 -12.36 25.99 0.73
C VAL B 113 -13.03 26.23 2.07
N ILE B 114 -12.76 25.34 3.01
CA ILE B 114 -13.26 25.44 4.38
C ILE B 114 -12.04 25.57 5.29
N SER B 115 -12.30 25.80 6.58
CA SER B 115 -11.22 25.86 7.56
C SER B 115 -10.26 24.69 7.43
N SER B 116 -10.79 23.47 7.40
CA SER B 116 -9.97 22.26 7.44
C SER B 116 -10.19 21.36 6.23
N ALA B 117 -10.75 21.86 5.15
CA ALA B 117 -10.98 21.02 3.98
C ALA B 117 -10.97 21.89 2.73
N ALA B 118 -10.68 21.25 1.60
CA ALA B 118 -10.62 21.92 0.32
C ALA B 118 -11.04 20.94 -0.79
N ILE B 119 -11.70 21.45 -1.82
CA ILE B 119 -12.19 20.63 -2.91
C ILE B 119 -11.78 21.28 -4.23
N VAL B 120 -11.36 20.43 -5.19
CA VAL B 120 -10.65 20.85 -6.38
C VAL B 120 -11.16 20.08 -7.59
N LYS B 121 -11.16 20.74 -8.74
CA LYS B 121 -11.39 20.10 -10.03
C LYS B 121 -10.11 20.23 -10.86
N GLY B 122 -9.60 19.11 -11.35
CA GLY B 122 -8.36 19.09 -12.09
C GLY B 122 -8.52 18.44 -13.45
N VAL B 123 -7.82 19.00 -14.43
CA VAL B 123 -7.76 18.44 -15.78
C VAL B 123 -6.32 18.40 -16.24
N ALA B 124 -5.92 17.24 -16.76
CA ALA B 124 -4.58 17.02 -17.29
C ALA B 124 -4.67 16.79 -18.79
N LYS B 125 -3.93 17.59 -19.55
CA LYS B 125 -3.99 17.57 -21.01
C LYS B 125 -2.59 17.55 -21.59
N VAL B 126 -2.50 17.00 -22.80
CA VAL B 126 -1.31 17.06 -23.64
C VAL B 126 -1.71 17.90 -24.85
N GLY B 127 -1.34 19.17 -24.85
CA GLY B 127 -2.02 20.12 -25.71
C GLY B 127 -3.31 20.54 -25.04
N ASP B 128 -4.29 20.91 -25.84
CA ASP B 128 -5.65 21.11 -25.31
C ASP B 128 -6.49 19.86 -25.53
N LYS B 129 -5.91 18.72 -25.14
CA LYS B 129 -6.58 17.43 -25.26
C LYS B 129 -6.64 16.79 -23.88
N VAL B 130 -7.82 16.83 -23.27
CA VAL B 130 -7.99 16.30 -21.92
C VAL B 130 -7.71 14.80 -21.92
N VAL B 131 -6.72 14.39 -21.13
CA VAL B 131 -6.42 12.99 -20.95
C VAL B 131 -6.74 12.50 -19.54
N THR B 132 -6.95 13.40 -18.59
CA THR B 132 -7.36 12.98 -17.26
C THR B 132 -8.24 14.04 -16.63
N LYS B 133 -9.34 13.61 -16.02
CA LYS B 133 -10.17 14.48 -15.20
C LYS B 133 -10.21 13.94 -13.78
N ALA B 134 -10.28 14.84 -12.81
CA ALA B 134 -10.23 14.38 -11.43
C ALA B 134 -10.81 15.39 -10.44
N THR B 135 -11.80 14.98 -9.67
CA THR B 135 -12.29 15.77 -8.55
C THR B 135 -11.53 15.34 -7.30
N LEU B 136 -10.78 16.27 -6.72
CA LEU B 136 -9.90 16.00 -5.60
C LEU B 136 -10.42 16.67 -4.34
N SER B 137 -10.09 16.06 -3.20
CA SER B 137 -10.48 16.61 -1.91
C SER B 137 -9.33 16.43 -0.94
N PHE B 138 -9.00 17.49 -0.21
CA PHE B 138 -7.93 17.47 0.76
C PHE B 138 -8.46 17.87 2.12
N GLY B 139 -7.99 17.17 3.15
CA GLY B 139 -8.20 17.58 4.53
C GLY B 139 -6.98 18.29 5.08
N VAL B 140 -7.16 18.86 6.26
CA VAL B 140 -6.05 19.49 6.95
C VAL B 140 -5.82 18.81 8.29
N PHE C 3 5.50 -15.67 -4.97
CA PHE C 3 5.99 -14.35 -5.35
C PHE C 3 6.67 -14.39 -6.72
N GLU C 4 7.36 -15.50 -7.00
CA GLU C 4 7.91 -15.68 -8.33
C GLU C 4 6.82 -15.66 -9.38
N GLU C 5 5.66 -16.23 -9.05
CA GLU C 5 4.50 -16.16 -9.94
C GLU C 5 3.96 -14.75 -10.03
N VAL C 6 3.99 -14.02 -8.90
CA VAL C 6 3.56 -12.62 -8.88
C VAL C 6 4.40 -11.78 -9.82
N ARG C 7 5.65 -12.19 -10.06
CA ARG C 7 6.54 -11.41 -10.90
C ARG C 7 6.08 -11.43 -12.35
N GLU C 8 5.87 -12.63 -12.89
CA GLU C 8 5.33 -12.78 -14.24
C GLU C 8 3.90 -12.30 -14.35
N LEU C 9 3.09 -12.50 -13.31
CA LEU C 9 1.66 -12.23 -13.39
C LEU C 9 1.36 -10.73 -13.37
N VAL C 10 2.30 -9.93 -12.89
CA VAL C 10 2.10 -8.48 -12.79
C VAL C 10 2.82 -7.83 -13.96
N PRO C 11 2.21 -6.85 -14.63
CA PRO C 11 2.91 -6.18 -15.73
C PRO C 11 3.86 -5.10 -15.24
N GLN C 12 4.59 -5.37 -14.17
CA GLN C 12 5.49 -4.40 -13.58
C GLN C 12 6.64 -5.10 -12.89
N LYS C 13 7.79 -4.43 -12.86
CA LYS C 13 9.02 -4.94 -12.28
C LYS C 13 9.48 -4.00 -11.17
N TYR C 14 10.73 -4.17 -10.72
CA TYR C 14 11.23 -3.67 -9.44
C TYR C 14 10.71 -2.32 -9.00
N PRO C 15 10.99 -1.21 -9.67
CA PRO C 15 10.83 0.09 -8.99
C PRO C 15 9.38 0.48 -8.76
N PHE C 16 8.44 -0.19 -9.40
CA PHE C 16 7.04 0.20 -9.35
C PHE C 16 6.15 -1.03 -9.11
N LEU C 17 6.67 -1.99 -8.35
CA LEU C 17 5.91 -3.17 -7.95
C LEU C 17 5.40 -2.97 -6.54
N PHE C 18 4.09 -3.10 -6.36
CA PHE C 18 3.45 -2.86 -5.08
C PHE C 18 2.68 -4.07 -4.57
N ILE C 19 3.07 -5.27 -4.98
CA ILE C 19 2.45 -6.52 -4.55
C ILE C 19 3.54 -7.46 -4.07
N ASP C 20 3.43 -7.91 -2.81
CA ASP C 20 4.37 -8.87 -2.27
C ASP C 20 3.87 -10.31 -2.31
N LYS C 21 2.58 -10.54 -2.07
CA LYS C 21 2.10 -11.92 -2.08
C LYS C 21 0.58 -11.91 -2.22
N VAL C 22 0.04 -12.99 -2.80
CA VAL C 22 -1.39 -13.20 -2.89
C VAL C 22 -1.80 -14.27 -1.88
N ILE C 23 -2.71 -13.94 -0.98
CA ILE C 23 -3.14 -14.87 0.06
C ILE C 23 -4.21 -15.82 -0.47
N GLU C 24 -5.31 -15.27 -0.96
CA GLU C 24 -6.43 -16.07 -1.44
C GLU C 24 -6.77 -15.70 -2.89
N LEU C 25 -7.23 -16.71 -3.61
CA LEU C 25 -7.67 -16.50 -4.99
C LEU C 25 -9.00 -17.18 -5.24
N GLN C 26 -10.09 -16.49 -4.94
CA GLN C 26 -11.41 -16.95 -5.37
C GLN C 26 -11.58 -16.54 -6.82
N LYS C 27 -11.36 -17.48 -7.73
CA LYS C 27 -11.30 -17.18 -9.16
C LYS C 27 -12.63 -16.60 -9.64
N GLU C 28 -12.54 -15.50 -10.38
CA GLU C 28 -13.68 -14.74 -10.89
C GLU C 28 -14.53 -14.13 -9.79
N SER C 29 -14.08 -14.22 -8.52
CA SER C 29 -14.83 -13.65 -7.41
C SER C 29 -14.04 -12.56 -6.70
N ARG C 30 -12.85 -12.86 -6.18
CA ARG C 30 -12.13 -11.90 -5.37
C ARG C 30 -10.67 -12.32 -5.21
N ILE C 31 -9.85 -11.35 -4.81
CA ILE C 31 -8.43 -11.57 -4.53
C ILE C 31 -8.07 -10.78 -3.28
N VAL C 32 -7.10 -11.29 -2.53
CA VAL C 32 -6.55 -10.58 -1.38
C VAL C 32 -5.03 -10.68 -1.46
N CYS C 33 -4.35 -9.57 -1.27
CA CYS C 33 -2.91 -9.52 -1.39
C CYS C 33 -2.31 -8.78 -0.20
N LEU C 34 -1.01 -8.97 -0.03
CA LEU C 34 -0.25 -8.33 1.02
C LEU C 34 0.94 -7.63 0.39
N LYS C 35 1.13 -6.37 0.77
CA LYS C 35 2.35 -5.63 0.47
C LYS C 35 2.92 -5.13 1.80
N ASN C 36 4.18 -5.48 2.07
CA ASN C 36 4.85 -4.89 3.20
C ASN C 36 5.24 -3.46 2.86
N ILE C 37 5.12 -2.55 3.83
CA ILE C 37 5.44 -1.15 3.64
C ILE C 37 6.66 -0.84 4.50
N SER C 38 7.81 -0.65 3.85
CA SER C 38 9.07 -0.46 4.54
C SER C 38 9.65 0.91 4.21
N GLY C 39 10.38 1.48 5.16
CA GLY C 39 11.02 2.77 4.97
C GLY C 39 12.15 2.78 3.96
N ASN C 40 12.50 1.60 3.42
CA ASN C 40 13.56 1.45 2.43
C ASN C 40 13.06 1.58 0.99
N GLU C 41 12.00 2.33 0.77
CA GLU C 41 11.45 2.58 -0.55
C GLU C 41 11.60 4.04 -0.94
N PRO C 42 11.72 4.34 -2.23
CA PRO C 42 12.10 5.70 -2.65
C PRO C 42 11.07 6.77 -2.34
N PHE C 43 9.79 6.48 -2.52
CA PHE C 43 8.76 7.51 -2.40
C PHE C 43 8.65 8.09 -0.99
N PHE C 44 9.21 7.42 0.02
CA PHE C 44 9.17 7.98 1.36
C PHE C 44 10.14 9.13 1.52
N ALA C 45 11.11 9.25 0.62
CA ALA C 45 12.04 10.39 0.66
C ALA C 45 11.57 11.53 -0.23
N GLY C 46 11.16 11.23 -1.45
CA GLY C 46 10.70 12.24 -2.38
C GLY C 46 9.50 13.01 -1.88
N HIS C 47 8.44 12.30 -1.50
CA HIS C 47 7.19 12.96 -1.14
C HIS C 47 7.32 13.90 0.06
N PHE C 48 7.75 13.39 1.21
CA PHE C 48 7.79 14.18 2.44
C PHE C 48 8.93 13.69 3.33
N PRO C 49 10.05 14.42 3.42
CA PRO C 49 11.17 13.96 4.23
C PRO C 49 10.90 14.00 5.73
N ASP C 50 10.46 15.16 6.23
CA ASP C 50 10.25 15.35 7.66
C ASP C 50 9.29 14.33 8.27
N PHE C 51 8.48 13.68 7.43
CA PHE C 51 7.51 12.70 7.91
C PHE C 51 7.27 11.68 6.81
N ALA C 52 7.69 10.44 7.05
CA ALA C 52 7.58 9.37 6.07
C ALA C 52 6.14 8.85 6.06
N ILE C 53 5.40 9.19 5.02
CA ILE C 53 4.02 8.75 4.84
C ILE C 53 3.89 8.17 3.44
N MET C 54 3.17 7.07 3.32
CA MET C 54 2.96 6.47 2.00
C MET C 54 1.97 7.31 1.22
N PRO C 55 2.33 7.77 0.01
CA PRO C 55 1.34 8.44 -0.83
C PRO C 55 0.19 7.50 -1.16
N GLY C 56 -1.02 7.89 -0.79
CA GLY C 56 -2.19 7.03 -0.95
C GLY C 56 -2.43 6.63 -2.38
N VAL C 57 -1.87 7.42 -3.29
CA VAL C 57 -1.96 7.11 -4.70
C VAL C 57 -1.25 5.79 -5.02
N LEU C 58 -0.18 5.49 -4.28
CA LEU C 58 0.48 4.20 -4.47
C LEU C 58 -0.36 3.06 -3.92
N ILE C 59 -1.15 3.33 -2.88
CA ILE C 59 -2.12 2.34 -2.41
C ILE C 59 -3.17 2.09 -3.49
N VAL C 60 -3.58 3.15 -4.19
CA VAL C 60 -4.47 2.99 -5.33
C VAL C 60 -3.83 2.12 -6.39
N GLU C 61 -2.57 2.41 -6.72
CA GLU C 61 -1.83 1.60 -7.68
C GLU C 61 -1.72 0.14 -7.23
N ALA C 62 -1.60 -0.09 -5.94
CA ALA C 62 -1.47 -1.45 -5.42
C ALA C 62 -2.78 -2.21 -5.58
N LEU C 63 -3.89 -1.57 -5.19
CA LEU C 63 -5.21 -2.16 -5.43
C LEU C 63 -5.39 -2.47 -6.91
N ALA C 64 -4.92 -1.57 -7.78
CA ALA C 64 -4.95 -1.77 -9.22
C ALA C 64 -4.17 -3.00 -9.67
N GLN C 65 -2.94 -3.14 -9.15
CA GLN C 65 -2.10 -4.28 -9.53
C GLN C 65 -2.71 -5.59 -9.04
N ALA C 66 -3.25 -5.59 -7.82
CA ALA C 66 -3.95 -6.77 -7.32
C ALA C 66 -5.15 -7.11 -8.19
N SER C 67 -5.87 -6.10 -8.68
CA SER C 67 -6.97 -6.35 -9.59
C SER C 67 -6.49 -6.99 -10.87
N ILE C 68 -5.35 -6.51 -11.39
CA ILE C 68 -4.76 -7.12 -12.58
C ILE C 68 -4.44 -8.59 -12.33
N ILE C 69 -3.88 -8.91 -11.15
CA ILE C 69 -3.57 -10.30 -10.82
C ILE C 69 -4.86 -11.12 -10.81
N LEU C 70 -5.91 -10.59 -10.17
CA LEU C 70 -7.18 -11.28 -10.14
C LEU C 70 -7.71 -11.54 -11.55
N PHE C 71 -7.50 -10.60 -12.47
CA PHE C 71 -7.98 -10.78 -13.84
C PHE C 71 -7.18 -11.83 -14.59
N LYS C 72 -5.85 -11.81 -14.46
CA LYS C 72 -5.01 -12.73 -15.22
C LYS C 72 -5.25 -14.18 -14.81
N LYS C 73 -5.68 -14.40 -13.57
CA LYS C 73 -5.91 -15.75 -13.06
C LYS C 73 -7.35 -16.19 -13.20
N SER C 74 -8.27 -15.28 -13.48
CA SER C 74 -9.67 -15.60 -13.66
C SER C 74 -10.06 -15.81 -15.11
N PHE C 75 -9.32 -15.24 -16.06
CA PHE C 75 -9.65 -15.32 -17.47
C PHE C 75 -8.37 -15.56 -18.27
N SER C 76 -8.27 -16.76 -18.85
CA SER C 76 -7.07 -17.23 -19.55
C SER C 76 -6.44 -16.20 -20.48
N LYS C 83 -5.62 -9.45 -23.83
CA LYS C 83 -5.07 -9.67 -22.50
C LYS C 83 -4.24 -8.49 -22.02
N VAL C 84 -4.77 -7.27 -22.19
CA VAL C 84 -4.17 -6.07 -21.64
C VAL C 84 -5.24 -5.32 -20.85
N PHE C 85 -4.89 -4.86 -19.65
CA PHE C 85 -5.81 -4.13 -18.79
C PHE C 85 -5.25 -2.74 -18.52
N LEU C 86 -6.03 -1.72 -18.86
CA LEU C 86 -5.67 -0.33 -18.61
C LEU C 86 -6.68 0.27 -17.64
N LEU C 87 -6.19 0.78 -16.51
CA LEU C 87 -7.07 1.35 -15.50
C LEU C 87 -7.82 2.54 -16.07
N ALA C 88 -9.13 2.37 -16.28
CA ALA C 88 -9.90 3.39 -16.96
C ALA C 88 -10.31 4.51 -16.01
N SER C 89 -10.68 4.18 -14.78
CA SER C 89 -11.20 5.21 -13.89
C SER C 89 -11.11 4.76 -12.45
N ALA C 90 -10.96 5.73 -11.54
CA ALA C 90 -10.84 5.46 -10.12
C ALA C 90 -11.72 6.41 -9.31
N ASN C 91 -12.19 5.92 -8.16
CA ASN C 91 -12.97 6.73 -7.23
C ASN C 91 -12.59 6.26 -5.82
N VAL C 92 -11.74 7.04 -5.15
CA VAL C 92 -11.05 6.56 -3.96
C VAL C 92 -11.40 7.44 -2.77
N ARG C 93 -11.33 6.87 -1.58
CA ARG C 93 -11.45 7.58 -0.32
C ARG C 93 -10.28 7.14 0.55
N PHE C 94 -9.52 8.10 1.05
CA PHE C 94 -8.41 7.81 1.94
C PHE C 94 -8.85 8.06 3.37
N SER C 95 -9.10 6.97 4.11
CA SER C 95 -9.59 7.07 5.48
C SER C 95 -8.46 7.29 6.47
N LYS C 96 -7.40 6.52 6.39
CA LYS C 96 -6.31 6.58 7.36
C LYS C 96 -4.96 6.53 6.67
N PRO C 97 -3.96 7.21 7.24
CA PRO C 97 -2.62 7.17 6.67
C PRO C 97 -1.95 5.82 6.88
N VAL C 98 -0.94 5.57 6.05
CA VAL C 98 -0.14 4.36 6.12
C VAL C 98 1.32 4.73 6.31
N PHE C 99 1.96 4.12 7.29
CA PHE C 99 3.33 4.41 7.69
C PHE C 99 4.24 3.23 7.42
N PRO C 100 5.56 3.41 7.55
CA PRO C 100 6.46 2.27 7.51
C PRO C 100 6.17 1.29 8.65
N GLY C 101 6.41 0.01 8.37
CA GLY C 101 6.13 -1.05 9.29
C GLY C 101 4.76 -1.69 9.12
N ASP C 102 3.87 -1.06 8.35
CA ASP C 102 2.51 -1.56 8.20
C ASP C 102 2.45 -2.64 7.13
N GLN C 103 1.62 -3.65 7.37
CA GLN C 103 1.32 -4.69 6.39
C GLN C 103 0.03 -4.31 5.69
N LEU C 104 0.13 -3.81 4.47
CA LEU C 104 -1.08 -3.46 3.74
C LEU C 104 -1.72 -4.72 3.17
N ILE C 105 -3.02 -4.86 3.41
CA ILE C 105 -3.80 -6.01 2.97
C ILE C 105 -4.85 -5.46 2.01
N LEU C 106 -4.72 -5.77 0.74
CA LEU C 106 -5.55 -5.18 -0.28
C LEU C 106 -6.52 -6.22 -0.82
N GLU C 107 -7.81 -5.92 -0.72
CA GLU C 107 -8.88 -6.86 -1.03
C GLU C 107 -9.68 -6.31 -2.20
N ILE C 108 -9.77 -7.10 -3.27
CA ILE C 108 -10.46 -6.72 -4.49
C ILE C 108 -11.62 -7.69 -4.70
N ASP C 109 -12.84 -7.15 -4.70
CA ASP C 109 -14.01 -7.89 -5.14
C ASP C 109 -14.42 -7.35 -6.50
N ILE C 110 -14.94 -8.19 -7.38
CA ILE C 110 -15.40 -7.69 -8.67
C ILE C 110 -16.91 -7.52 -8.63
N GLU C 111 -17.38 -6.42 -9.22
CA GLU C 111 -18.81 -6.11 -9.29
C GLU C 111 -19.40 -6.33 -10.67
N LYS C 112 -18.63 -6.07 -11.72
CA LYS C 112 -19.12 -6.23 -13.09
C LYS C 112 -17.94 -6.52 -14.00
N VAL C 113 -18.02 -7.64 -14.72
CA VAL C 113 -16.98 -8.01 -15.69
C VAL C 113 -17.66 -8.32 -17.02
N ILE C 114 -17.35 -7.54 -18.04
CA ILE C 114 -17.87 -7.75 -19.38
C ILE C 114 -16.67 -8.01 -20.30
N SER C 115 -16.98 -8.24 -21.58
CA SER C 115 -15.94 -8.56 -22.54
C SER C 115 -14.97 -7.41 -22.77
N SER C 116 -15.43 -6.17 -22.57
CA SER C 116 -14.66 -4.98 -22.92
C SER C 116 -14.26 -4.11 -21.73
N ALA C 117 -14.64 -4.47 -20.52
CA ALA C 117 -14.38 -3.65 -19.35
C ALA C 117 -14.67 -4.46 -18.09
N ALA C 118 -14.22 -3.93 -16.95
CA ALA C 118 -14.43 -4.57 -15.66
C ALA C 118 -14.43 -3.52 -14.56
N ILE C 119 -15.17 -3.81 -13.49
CA ILE C 119 -15.31 -2.88 -12.36
C ILE C 119 -15.07 -3.67 -11.07
N VAL C 120 -14.22 -3.14 -10.20
CA VAL C 120 -13.86 -3.78 -8.95
C VAL C 120 -14.04 -2.81 -7.79
N LYS C 121 -14.28 -3.37 -6.62
CA LYS C 121 -14.30 -2.64 -5.36
C LYS C 121 -13.08 -3.06 -4.55
N GLY C 122 -12.22 -2.11 -4.23
CA GLY C 122 -11.04 -2.39 -3.47
C GLY C 122 -11.08 -1.80 -2.07
N VAL C 123 -10.35 -2.44 -1.18
CA VAL C 123 -10.23 -1.97 0.20
C VAL C 123 -8.86 -2.34 0.74
N ALA C 124 -8.13 -1.35 1.26
CA ALA C 124 -6.82 -1.57 1.84
C ALA C 124 -6.95 -1.49 3.36
N LYS C 125 -6.33 -2.44 4.05
CA LYS C 125 -6.46 -2.55 5.50
C LYS C 125 -5.10 -2.76 6.14
N VAL C 126 -4.89 -2.11 7.29
CA VAL C 126 -3.76 -2.41 8.16
C VAL C 126 -4.35 -3.07 9.40
N GLY C 127 -4.22 -4.39 9.49
CA GLY C 127 -4.84 -5.12 10.58
C GLY C 127 -6.31 -5.34 10.37
N ASP C 128 -7.15 -4.62 11.13
CA ASP C 128 -8.57 -4.53 10.84
C ASP C 128 -9.04 -3.08 10.83
N LYS C 129 -8.21 -2.17 10.34
CA LYS C 129 -8.52 -0.76 10.21
C LYS C 129 -8.45 -0.37 8.74
N VAL C 130 -9.59 -0.03 8.15
CA VAL C 130 -9.63 0.37 6.75
C VAL C 130 -8.91 1.70 6.58
N VAL C 131 -7.85 1.71 5.79
CA VAL C 131 -7.08 2.91 5.52
C VAL C 131 -7.52 3.59 4.22
N THR C 132 -7.74 2.81 3.16
CA THR C 132 -8.27 3.35 1.92
C THR C 132 -9.37 2.44 1.41
N LYS C 133 -10.33 3.04 0.71
CA LYS C 133 -11.45 2.31 0.11
C LYS C 133 -11.71 2.89 -1.27
N ALA C 134 -11.69 2.05 -2.28
CA ALA C 134 -11.72 2.55 -3.64
C ALA C 134 -12.69 1.73 -4.48
N THR C 135 -13.13 2.33 -5.57
CA THR C 135 -13.78 1.58 -6.64
C THR C 135 -13.06 1.90 -7.93
N LEU C 136 -12.59 0.86 -8.61
CA LEU C 136 -11.75 0.98 -9.78
C LEU C 136 -12.45 0.40 -10.98
N SER C 137 -12.06 0.86 -12.15
CA SER C 137 -12.61 0.42 -13.41
C SER C 137 -11.49 0.30 -14.42
N PHE C 138 -11.44 -0.83 -15.10
CA PHE C 138 -10.38 -1.17 -16.05
C PHE C 138 -10.99 -1.44 -17.42
N GLY C 139 -10.27 -1.04 -18.47
CA GLY C 139 -10.62 -1.44 -19.82
C GLY C 139 -9.64 -2.47 -20.36
N VAL C 140 -10.14 -3.36 -21.21
CA VAL C 140 -9.38 -4.50 -21.70
C VAL C 140 -8.87 -4.18 -23.09
N ALA C 141 -7.73 -4.77 -23.46
CA ALA C 141 -7.14 -4.65 -24.77
C ALA C 141 -6.42 -5.93 -25.13
N ASN C 142 -6.08 -6.08 -26.40
CA ASN C 142 -5.38 -7.26 -26.87
C ASN C 142 -3.87 -7.13 -26.69
N PRO D 1 -40.05 20.10 2.09
CA PRO D 1 -41.09 19.17 2.56
C PRO D 1 -40.56 18.15 3.56
N VAL D 2 -41.33 17.81 4.59
CA VAL D 2 -40.85 16.94 5.65
C VAL D 2 -40.48 15.57 5.08
N GLU D 3 -41.42 14.92 4.41
CA GLU D 3 -41.15 13.66 3.74
C GLU D 3 -39.92 13.76 2.85
N ASN D 4 -39.81 14.86 2.10
CA ASN D 4 -38.76 14.97 1.10
C ASN D 4 -37.41 15.29 1.72
N LEU D 5 -37.35 16.36 2.51
CA LEU D 5 -36.13 16.64 3.27
C LEU D 5 -35.65 15.37 3.95
N GLU D 6 -36.58 14.62 4.54
CA GLU D 6 -36.23 13.51 5.40
C GLU D 6 -35.64 12.35 4.58
N LYS D 7 -36.36 11.95 3.51
CA LYS D 7 -35.93 10.80 2.72
C LYS D 7 -34.69 11.12 1.89
N GLU D 8 -34.52 12.36 1.46
CA GLU D 8 -33.30 12.70 0.74
C GLU D 8 -32.09 12.77 1.66
N ILE D 9 -32.25 13.26 2.89
CA ILE D 9 -31.13 13.21 3.82
C ILE D 9 -30.77 11.77 4.15
N THR D 10 -31.76 10.93 4.44
CA THR D 10 -31.43 9.54 4.72
C THR D 10 -30.88 8.85 3.47
N ALA D 11 -31.27 9.32 2.28
CA ALA D 11 -30.71 8.77 1.07
C ALA D 11 -29.24 9.10 0.95
N ILE D 12 -28.88 10.35 1.26
CA ILE D 12 -27.47 10.76 1.20
C ILE D 12 -26.65 9.94 2.18
N VAL D 13 -27.16 9.74 3.40
CA VAL D 13 -26.37 9.02 4.38
C VAL D 13 -26.30 7.53 4.03
N ALA D 14 -27.41 6.97 3.53
CA ALA D 14 -27.40 5.58 3.07
C ALA D 14 -26.55 5.42 1.82
N GLU D 15 -26.19 6.53 1.18
CA GLU D 15 -25.22 6.45 0.10
C GLU D 15 -23.81 6.46 0.65
N VAL D 16 -23.52 7.36 1.58
CA VAL D 16 -22.14 7.57 2.00
C VAL D 16 -21.65 6.41 2.86
N THR D 17 -22.45 5.97 3.83
CA THR D 17 -22.03 4.84 4.64
C THR D 17 -22.71 3.54 4.25
N GLU D 18 -23.71 3.60 3.37
CA GLU D 18 -24.34 2.44 2.75
C GLU D 18 -24.80 1.42 3.79
N LEU D 19 -25.76 1.83 4.61
CA LEU D 19 -26.61 0.93 5.37
C LEU D 19 -28.05 1.14 4.93
N ASP D 20 -28.84 0.07 4.99
CA ASP D 20 -30.20 0.08 4.49
C ASP D 20 -31.00 1.23 5.10
N GLU D 21 -31.71 1.97 4.23
CA GLU D 21 -32.19 3.30 4.58
C GLU D 21 -32.93 3.32 5.90
N ASN D 22 -33.73 2.30 6.18
CA ASN D 22 -34.40 2.20 7.48
C ASN D 22 -33.40 2.07 8.63
N GLU D 23 -32.31 1.31 8.41
CA GLU D 23 -31.39 1.03 9.52
C GLU D 23 -30.67 2.29 9.98
N ILE D 24 -30.34 3.19 9.06
CA ILE D 24 -29.81 4.49 9.46
C ILE D 24 -30.95 5.38 9.94
N TRP D 25 -32.11 5.28 9.28
CA TRP D 25 -33.29 6.03 9.68
C TRP D 25 -33.50 5.98 11.20
N GLU D 26 -33.44 4.79 11.78
CA GLU D 26 -33.77 4.65 13.18
C GLU D 26 -32.71 5.25 14.10
N LYS D 27 -31.43 5.04 13.79
CA LYS D 27 -30.33 5.26 14.74
C LYS D 27 -29.88 6.71 14.81
N ARG D 28 -30.80 7.64 14.52
CA ARG D 28 -30.44 9.07 14.49
C ARG D 28 -30.05 9.60 15.85
N ASP D 29 -30.51 8.99 16.93
CA ASP D 29 -30.30 9.55 18.27
C ASP D 29 -28.94 9.18 18.84
N ALA D 30 -27.99 8.81 17.98
CA ALA D 30 -26.62 8.54 18.39
C ALA D 30 -25.66 9.48 17.66
N ASP D 31 -24.38 9.31 17.93
CA ASP D 31 -23.36 10.16 17.34
C ASP D 31 -22.78 9.53 16.08
N PHE D 32 -22.55 10.35 15.07
CA PHE D 32 -22.04 9.87 13.80
C PHE D 32 -20.67 9.23 13.94
N PHE D 33 -19.85 9.71 14.87
CA PHE D 33 -18.55 9.08 15.02
C PHE D 33 -18.49 8.07 16.15
N LYS D 34 -19.24 8.30 17.25
CA LYS D 34 -19.15 7.37 18.38
C LYS D 34 -19.91 6.08 18.11
N ASP D 35 -21.00 6.14 17.35
CA ASP D 35 -21.79 4.95 17.06
C ASP D 35 -22.13 4.75 15.60
N LEU D 36 -21.63 5.59 14.69
CA LEU D 36 -21.99 5.47 13.28
C LEU D 36 -20.76 5.43 12.37
N GLU D 37 -19.56 5.44 12.93
CA GLU D 37 -18.29 5.30 12.19
C GLU D 37 -18.24 6.26 11.00
N ILE D 38 -18.50 7.54 11.27
CA ILE D 38 -18.50 8.55 10.23
C ILE D 38 -17.27 9.44 10.38
N ASP D 39 -16.61 9.69 9.26
CA ASP D 39 -15.31 10.32 9.16
C ASP D 39 -15.49 11.81 8.85
N SER D 40 -14.38 12.55 8.85
CA SER D 40 -14.41 13.89 8.30
C SER D 40 -14.85 13.88 6.85
N LEU D 41 -14.42 12.87 6.10
CA LEU D 41 -14.71 12.82 4.67
C LEU D 41 -16.12 12.33 4.41
N LEU D 42 -16.64 11.43 5.25
CA LEU D 42 -18.03 11.07 5.14
C LEU D 42 -18.94 12.27 5.38
N ALA D 43 -18.67 13.04 6.45
CA ALA D 43 -19.44 14.25 6.72
C ALA D 43 -19.29 15.26 5.57
N LEU D 44 -18.08 15.39 5.04
CA LEU D 44 -17.85 16.34 3.95
C LEU D 44 -18.59 15.91 2.69
N GLU D 45 -18.63 14.60 2.43
CA GLU D 45 -19.34 14.09 1.27
C GLU D 45 -20.84 14.29 1.40
N ILE D 46 -21.38 14.07 2.60
CA ILE D 46 -22.80 14.35 2.82
C ILE D 46 -23.09 15.82 2.59
N LEU D 47 -22.23 16.69 3.13
CA LEU D 47 -22.44 18.13 2.99
C LEU D 47 -22.34 18.56 1.53
N ALA D 48 -21.44 17.95 0.77
CA ALA D 48 -21.28 18.32 -0.64
C ALA D 48 -22.45 17.82 -1.47
N LEU D 49 -22.87 16.58 -1.25
CA LEU D 49 -24.06 16.06 -1.91
C LEU D 49 -25.29 16.89 -1.56
N ILE D 50 -25.33 17.44 -0.35
CA ILE D 50 -26.46 18.29 0.03
C ILE D 50 -26.39 19.61 -0.73
N GLU D 51 -25.23 20.23 -0.77
CA GLU D 51 -25.08 21.47 -1.54
C GLU D 51 -25.36 21.22 -3.03
N LYS D 52 -25.22 19.97 -3.48
CA LYS D 52 -25.40 19.70 -4.91
C LYS D 52 -26.87 19.43 -5.25
N LYS D 53 -27.47 18.39 -4.66
CA LYS D 53 -28.88 18.13 -4.94
C LYS D 53 -29.75 19.28 -4.49
N PHE D 54 -29.48 19.83 -3.30
CA PHE D 54 -30.31 20.86 -2.71
C PHE D 54 -30.00 22.25 -3.22
N LYS D 55 -29.01 22.40 -4.09
CA LYS D 55 -28.52 23.69 -4.61
C LYS D 55 -28.47 24.74 -3.50
N VAL D 56 -28.02 24.27 -2.33
CA VAL D 56 -28.09 25.05 -1.10
C VAL D 56 -26.69 25.40 -0.65
N GLN D 57 -26.56 26.53 0.04
CA GLN D 57 -25.31 26.98 0.62
C GLN D 57 -25.17 26.34 2.00
N ILE D 58 -23.93 26.17 2.47
CA ILE D 58 -23.67 25.67 3.81
C ILE D 58 -22.40 26.29 4.39
N PRO D 59 -22.48 27.05 5.47
CA PRO D 59 -21.28 27.35 6.25
C PRO D 59 -21.01 26.23 7.25
N GLU D 60 -19.74 25.79 7.30
CA GLU D 60 -19.44 24.49 7.88
C GLU D 60 -19.07 24.57 9.36
N GLU D 61 -19.23 25.74 9.98
CA GLU D 61 -19.30 25.73 11.44
C GLU D 61 -20.54 24.99 11.90
N LYS D 62 -21.61 25.03 11.10
CA LYS D 62 -22.72 24.10 11.19
C LYS D 62 -22.27 22.66 11.37
N LEU D 63 -21.09 22.30 10.84
CA LEU D 63 -20.62 20.93 10.96
C LEU D 63 -20.42 20.50 12.41
N VAL D 64 -20.23 21.44 13.34
CA VAL D 64 -20.08 21.01 14.74
C VAL D 64 -21.40 20.46 15.24
N ASP D 65 -22.51 20.98 14.73
CA ASP D 65 -23.83 20.43 14.98
C ASP D 65 -24.16 19.26 14.07
N ILE D 66 -23.25 18.93 13.14
CA ILE D 66 -23.35 17.71 12.37
C ILE D 66 -22.80 16.58 13.23
N THR D 67 -23.66 16.00 14.07
CA THR D 67 -23.31 14.83 14.85
C THR D 67 -24.33 13.72 14.76
N SER D 68 -25.59 14.03 14.46
CA SER D 68 -26.64 13.03 14.34
C SER D 68 -27.47 13.34 13.10
N LEU D 69 -28.24 12.35 12.65
CA LEU D 69 -29.04 12.52 11.45
C LEU D 69 -30.09 13.62 11.63
N ASN D 70 -30.91 13.52 12.66
CA ASN D 70 -31.92 14.55 12.91
C ASN D 70 -31.28 15.93 13.05
N ALA D 71 -30.04 15.98 13.54
CA ALA D 71 -29.34 17.25 13.64
C ALA D 71 -29.12 17.87 12.27
N THR D 72 -28.61 17.09 11.31
CA THR D 72 -28.39 17.64 9.97
C THR D 72 -29.72 17.95 9.31
N ILE D 73 -30.78 17.21 9.64
CA ILE D 73 -32.10 17.54 9.14
C ILE D 73 -32.50 18.94 9.61
N GLU D 74 -32.26 19.24 10.88
CA GLU D 74 -32.63 20.54 11.42
C GLU D 74 -31.82 21.65 10.78
N MET D 75 -30.50 21.45 10.63
CA MET D 75 -29.67 22.47 10.02
C MET D 75 -30.01 22.65 8.53
N THR D 76 -30.37 21.56 7.86
CA THR D 76 -30.79 21.63 6.47
C THR D 76 -32.10 22.40 6.33
N ARG D 77 -33.03 22.18 7.26
CA ARG D 77 -34.23 22.98 7.35
C ARG D 77 -33.89 24.46 7.45
N SER D 78 -33.03 24.80 8.42
CA SER D 78 -32.65 26.19 8.64
C SER D 78 -32.04 26.81 7.39
N THR D 79 -31.31 26.02 6.61
CA THR D 79 -30.69 26.60 5.43
C THR D 79 -31.68 26.68 4.25
N LEU D 80 -32.59 25.71 4.13
CA LEU D 80 -33.59 25.79 3.08
C LEU D 80 -34.61 26.90 3.37
N GLU D 81 -34.59 27.42 4.60
CA GLU D 81 -35.29 28.69 4.84
C GLU D 81 -34.31 29.86 4.80
N GLY D 82 -33.00 29.57 4.80
CA GLY D 82 -31.97 30.59 4.89
C GLY D 82 -32.09 31.73 3.91
N LYS D 83 -32.61 31.45 2.72
CA LYS D 83 -32.86 32.50 1.75
C LYS D 83 -34.04 33.35 2.16
N PRO E 1 -43.63 1.39 -13.93
CA PRO E 1 -44.02 2.79 -14.15
C PRO E 1 -43.10 3.50 -15.16
N VAL E 2 -43.67 4.31 -16.05
CA VAL E 2 -42.87 4.95 -17.09
C VAL E 2 -42.16 6.17 -16.55
N GLU E 3 -42.87 7.01 -15.80
CA GLU E 3 -42.22 8.20 -15.24
C GLU E 3 -41.39 7.83 -14.02
N ASN E 4 -41.64 6.67 -13.42
CA ASN E 4 -40.77 6.23 -12.34
C ASN E 4 -39.56 5.49 -12.87
N LEU E 5 -39.66 4.84 -14.04
CA LEU E 5 -38.42 4.41 -14.67
C LEU E 5 -37.63 5.64 -15.11
N GLU E 6 -38.34 6.70 -15.51
CA GLU E 6 -37.66 7.98 -15.66
C GLU E 6 -37.01 8.40 -14.36
N LYS E 7 -37.73 8.29 -13.24
CA LYS E 7 -37.17 8.60 -11.93
C LYS E 7 -35.85 7.89 -11.72
N GLU E 8 -35.86 6.56 -11.75
CA GLU E 8 -34.64 5.76 -11.56
C GLU E 8 -33.55 6.16 -12.56
N ILE E 9 -33.82 5.99 -13.85
CA ILE E 9 -32.80 6.17 -14.87
C ILE E 9 -32.25 7.59 -14.84
N THR E 10 -33.12 8.58 -14.96
CA THR E 10 -32.70 9.97 -14.97
C THR E 10 -31.94 10.34 -13.70
N ALA E 11 -32.41 9.86 -12.55
CA ALA E 11 -31.71 10.14 -11.31
C ALA E 11 -30.27 9.66 -11.38
N ILE E 12 -30.06 8.39 -11.73
CA ILE E 12 -28.70 7.84 -11.67
C ILE E 12 -27.83 8.44 -12.77
N VAL E 13 -28.41 8.76 -13.92
CA VAL E 13 -27.62 9.32 -15.01
C VAL E 13 -27.26 10.77 -14.72
N ALA E 14 -28.08 11.46 -13.92
CA ALA E 14 -27.74 12.81 -13.50
C ALA E 14 -26.70 12.78 -12.39
N GLU E 15 -26.74 11.74 -11.56
CA GLU E 15 -25.66 11.52 -10.62
C GLU E 15 -24.34 11.31 -11.35
N VAL E 16 -24.36 10.50 -12.41
CA VAL E 16 -23.11 10.15 -13.07
C VAL E 16 -22.62 11.30 -13.96
N THR E 17 -23.41 11.69 -14.95
CA THR E 17 -22.94 12.49 -16.07
C THR E 17 -22.68 13.96 -15.72
N GLU E 18 -23.07 14.41 -14.52
CA GLU E 18 -22.71 15.73 -14.00
C GLU E 18 -23.35 16.86 -14.80
N LEU E 19 -24.67 16.82 -14.95
CA LEU E 19 -25.41 17.89 -15.61
C LEU E 19 -26.72 18.14 -14.88
N ASP E 20 -27.41 19.22 -15.29
CA ASP E 20 -28.65 19.63 -14.63
C ASP E 20 -29.80 18.78 -15.13
N GLU E 21 -30.64 18.34 -14.20
CA GLU E 21 -31.74 17.44 -14.56
C GLU E 21 -32.84 18.19 -15.30
N ASN E 22 -32.95 19.49 -15.09
CA ASN E 22 -33.88 20.30 -15.87
C ASN E 22 -33.51 20.28 -17.35
N GLU E 23 -32.24 20.55 -17.66
CA GLU E 23 -31.81 20.50 -19.05
C GLU E 23 -31.77 19.06 -19.56
N ILE E 24 -31.75 18.08 -18.64
CA ILE E 24 -31.85 16.68 -19.05
C ILE E 24 -33.27 16.38 -19.53
N TRP E 25 -34.27 16.79 -18.75
CA TRP E 25 -35.65 16.79 -19.22
C TRP E 25 -35.76 17.55 -20.54
N GLU E 26 -34.90 18.55 -20.75
CA GLU E 26 -34.83 19.17 -22.06
C GLU E 26 -33.99 18.36 -23.05
N LYS E 27 -32.92 17.74 -22.59
CA LYS E 27 -32.00 16.98 -23.44
C LYS E 27 -32.21 15.47 -23.34
N ARG E 28 -33.46 14.99 -23.23
CA ARG E 28 -33.70 13.58 -23.53
C ARG E 28 -33.17 13.20 -24.90
N ASP E 29 -33.14 14.15 -25.82
CA ASP E 29 -32.72 13.90 -27.20
C ASP E 29 -31.22 14.16 -27.37
N ALA E 30 -30.44 13.98 -26.30
CA ALA E 30 -29.00 14.15 -26.33
C ALA E 30 -28.31 12.82 -26.56
N ASP E 31 -27.29 12.84 -27.42
CA ASP E 31 -26.56 11.64 -27.78
C ASP E 31 -25.39 11.41 -26.81
N PHE E 32 -25.34 10.23 -26.20
CA PHE E 32 -24.24 9.92 -25.30
C PHE E 32 -22.90 10.05 -26.02
N PHE E 33 -22.71 9.23 -27.05
CA PHE E 33 -21.42 9.09 -27.72
C PHE E 33 -20.75 10.41 -28.09
N LYS E 34 -21.52 11.40 -28.56
CA LYS E 34 -20.88 12.62 -29.06
C LYS E 34 -21.36 13.86 -28.33
N ASP E 35 -22.58 13.86 -27.81
CA ASP E 35 -23.19 15.07 -27.27
C ASP E 35 -23.12 15.18 -25.75
N LEU E 36 -22.84 14.10 -25.02
CA LEU E 36 -22.92 14.11 -23.57
C LEU E 36 -21.57 13.95 -22.90
N GLU E 37 -20.48 14.06 -23.66
CA GLU E 37 -19.10 13.96 -23.15
C GLU E 37 -18.92 12.68 -22.32
N ILE E 38 -19.27 11.56 -22.93
CA ILE E 38 -19.38 10.29 -22.21
C ILE E 38 -18.15 9.46 -22.41
N ASP E 39 -18.07 8.41 -21.62
CA ASP E 39 -17.17 7.29 -21.78
C ASP E 39 -18.01 6.05 -22.12
N SER E 40 -17.37 5.05 -22.71
CA SER E 40 -18.04 3.77 -22.81
C SER E 40 -18.19 3.13 -21.43
N LEU E 41 -17.18 3.33 -20.59
CA LEU E 41 -17.30 2.90 -19.22
C LEU E 41 -18.31 3.75 -18.45
N LEU E 42 -18.58 4.96 -18.93
CA LEU E 42 -19.71 5.72 -18.38
C LEU E 42 -21.03 4.98 -18.58
N ALA E 43 -21.20 4.40 -19.77
CA ALA E 43 -22.34 3.52 -20.00
C ALA E 43 -22.27 2.29 -19.11
N LEU E 44 -21.07 1.75 -18.89
CA LEU E 44 -20.93 0.64 -17.96
C LEU E 44 -21.39 1.02 -16.56
N GLU E 45 -21.09 2.24 -16.13
CA GLU E 45 -21.48 2.72 -14.82
C GLU E 45 -23.00 2.82 -14.70
N ILE E 46 -23.63 3.53 -15.63
CA ILE E 46 -25.09 3.66 -15.58
C ILE E 46 -25.77 2.30 -15.68
N LEU E 47 -25.18 1.39 -16.48
CA LEU E 47 -25.80 0.10 -16.66
C LEU E 47 -25.64 -0.76 -15.41
N ALA E 48 -24.51 -0.64 -14.71
CA ALA E 48 -24.37 -1.34 -13.44
C ALA E 48 -25.36 -0.83 -12.42
N LEU E 49 -25.57 0.50 -12.39
CA LEU E 49 -26.55 1.05 -11.47
C LEU E 49 -27.97 0.55 -11.76
N ILE E 50 -28.38 0.51 -13.03
CA ILE E 50 -29.71 -0.03 -13.33
C ILE E 50 -29.76 -1.51 -12.96
N GLU E 51 -28.72 -2.26 -13.31
CA GLU E 51 -28.63 -3.68 -12.92
C GLU E 51 -28.91 -3.86 -11.44
N LYS E 52 -28.24 -3.05 -10.61
CA LYS E 52 -28.27 -3.29 -9.17
C LYS E 52 -29.55 -2.76 -8.53
N LYS E 53 -30.05 -1.60 -8.97
CA LYS E 53 -31.14 -0.96 -8.23
C LYS E 53 -32.49 -1.22 -8.89
N PHE E 54 -32.51 -1.99 -9.98
CA PHE E 54 -33.78 -2.48 -10.51
C PHE E 54 -33.93 -3.99 -10.30
N LYS E 55 -32.86 -4.66 -9.90
CA LYS E 55 -32.85 -6.02 -9.32
C LYS E 55 -33.08 -7.10 -10.38
N VAL E 56 -32.79 -6.77 -11.64
CA VAL E 56 -32.90 -7.74 -12.72
C VAL E 56 -31.75 -7.49 -13.71
N GLN E 57 -31.41 -8.51 -14.49
CA GLN E 57 -30.14 -8.60 -15.21
C GLN E 57 -30.25 -8.16 -16.67
N ILE E 58 -29.12 -7.79 -17.25
CA ILE E 58 -29.01 -7.45 -18.66
C ILE E 58 -27.72 -8.02 -19.23
N PRO E 59 -27.77 -8.84 -20.29
CA PRO E 59 -26.54 -9.23 -20.99
C PRO E 59 -25.83 -8.03 -21.62
N GLU E 60 -24.68 -8.30 -22.24
CA GLU E 60 -23.79 -7.21 -22.64
C GLU E 60 -24.08 -6.73 -24.06
N GLU E 61 -24.88 -7.49 -24.82
CA GLU E 61 -25.32 -7.04 -26.13
C GLU E 61 -25.92 -5.64 -26.07
N LYS E 62 -26.76 -5.38 -25.07
CA LYS E 62 -27.29 -4.07 -24.74
C LYS E 62 -26.30 -2.94 -24.94
N LEU E 63 -25.02 -3.20 -24.70
CA LEU E 63 -24.00 -2.17 -24.78
C LEU E 63 -23.97 -1.45 -26.11
N VAL E 64 -24.18 -2.18 -27.22
CA VAL E 64 -24.11 -1.54 -28.52
C VAL E 64 -25.17 -0.46 -28.65
N ASP E 65 -26.34 -0.70 -28.08
CA ASP E 65 -27.51 0.14 -28.32
C ASP E 65 -27.60 1.33 -27.38
N ILE E 66 -26.65 1.49 -26.48
CA ILE E 66 -26.59 2.66 -25.61
C ILE E 66 -26.14 3.85 -26.44
N THR E 67 -27.05 4.74 -26.81
CA THR E 67 -26.67 5.89 -27.62
C THR E 67 -27.12 7.24 -27.11
N SER E 68 -28.35 7.38 -26.62
CA SER E 68 -28.90 8.70 -26.34
C SER E 68 -29.82 8.60 -25.13
N LEU E 69 -30.08 9.74 -24.49
CA LEU E 69 -30.89 9.69 -23.29
C LEU E 69 -32.29 9.18 -23.59
N ASN E 70 -32.93 9.69 -24.65
CA ASN E 70 -34.09 8.99 -25.17
C ASN E 70 -33.75 7.53 -25.49
N ALA E 71 -32.64 7.30 -26.17
CA ALA E 71 -32.36 5.97 -26.69
C ALA E 71 -31.87 5.04 -25.58
N THR E 72 -31.16 5.57 -24.59
CA THR E 72 -30.71 4.74 -23.49
C THR E 72 -31.83 4.47 -22.51
N ILE E 73 -32.69 5.47 -22.28
CA ILE E 73 -33.92 5.19 -21.54
C ILE E 73 -34.75 4.14 -22.29
N GLU E 74 -34.75 4.21 -23.63
CA GLU E 74 -35.48 3.21 -24.40
C GLU E 74 -34.85 1.84 -24.30
N MET E 75 -33.52 1.77 -24.24
CA MET E 75 -32.86 0.48 -24.18
C MET E 75 -33.04 -0.16 -22.80
N THR E 76 -32.84 0.62 -21.74
CA THR E 76 -33.16 0.13 -20.41
C THR E 76 -34.65 -0.16 -20.26
N ARG E 77 -35.49 0.56 -21.00
CA ARG E 77 -36.93 0.35 -20.95
C ARG E 77 -37.33 -0.96 -21.63
N SER E 78 -36.75 -1.25 -22.79
CA SER E 78 -37.01 -2.53 -23.44
C SER E 78 -36.43 -3.68 -22.62
N THR E 79 -35.29 -3.46 -21.97
CA THR E 79 -34.82 -4.48 -21.03
C THR E 79 -35.85 -4.72 -19.94
N LEU E 80 -36.14 -3.73 -19.11
CA LEU E 80 -37.11 -3.93 -18.03
C LEU E 80 -38.44 -4.44 -18.57
N GLU E 81 -38.71 -4.21 -19.85
CA GLU E 81 -39.79 -4.91 -20.53
C GLU E 81 -39.54 -6.40 -20.55
N GLY E 82 -38.33 -6.83 -20.90
CA GLY E 82 -37.95 -8.21 -20.65
C GLY E 82 -37.34 -8.43 -19.27
N LYS E 83 -36.27 -7.72 -18.96
CA LYS E 83 -35.66 -7.63 -17.64
C LYS E 83 -36.63 -7.06 -16.59
N PRO F 1 42.04 -43.31 23.61
CA PRO F 1 41.58 -42.16 24.39
C PRO F 1 40.08 -41.96 24.28
N VAL F 2 39.36 -43.09 24.16
CA VAL F 2 37.92 -43.08 23.94
C VAL F 2 37.21 -42.17 24.95
N GLU F 3 37.78 -42.02 26.14
CA GLU F 3 37.17 -41.14 27.14
C GLU F 3 37.40 -39.67 26.81
N ASN F 4 38.64 -39.33 26.44
CA ASN F 4 38.91 -37.96 26.04
C ASN F 4 38.09 -37.60 24.81
N LEU F 5 38.20 -38.39 23.74
CA LEU F 5 37.44 -38.11 22.53
C LEU F 5 35.94 -38.15 22.79
N GLU F 6 35.49 -39.02 23.68
CA GLU F 6 34.06 -39.22 23.87
C GLU F 6 33.43 -38.04 24.60
N LYS F 7 34.07 -37.56 25.66
CA LYS F 7 33.49 -36.42 26.37
C LYS F 7 33.80 -35.10 25.69
N GLU F 8 34.91 -34.97 24.98
CA GLU F 8 35.07 -33.81 24.11
C GLU F 8 34.07 -33.82 22.95
N ILE F 9 33.61 -34.98 22.49
CA ILE F 9 32.58 -35.00 21.45
C ILE F 9 31.23 -34.64 22.04
N THR F 10 30.91 -35.19 23.21
CA THR F 10 29.77 -34.71 23.97
C THR F 10 29.79 -33.18 24.05
N ALA F 11 30.96 -32.60 24.34
CA ALA F 11 31.06 -31.14 24.46
C ALA F 11 30.90 -30.45 23.10
N ILE F 12 31.40 -31.06 22.02
CA ILE F 12 31.23 -30.47 20.70
C ILE F 12 29.75 -30.36 20.36
N VAL F 13 28.98 -31.41 20.63
CA VAL F 13 27.55 -31.35 20.34
C VAL F 13 26.86 -30.36 21.28
N ALA F 14 27.33 -30.28 22.53
CA ALA F 14 26.75 -29.31 23.47
C ALA F 14 27.06 -27.87 23.06
N GLU F 15 28.15 -27.68 22.32
CA GLU F 15 28.48 -26.35 21.81
C GLU F 15 27.70 -26.02 20.56
N VAL F 16 27.68 -26.95 19.59
CA VAL F 16 27.03 -26.69 18.31
C VAL F 16 25.53 -26.53 18.49
N THR F 17 24.93 -27.34 19.38
CA THR F 17 23.53 -27.16 19.74
C THR F 17 23.37 -26.13 20.85
N GLU F 18 24.47 -25.60 21.38
CA GLU F 18 24.45 -24.58 22.44
C GLU F 18 23.64 -25.10 23.63
N LEU F 19 23.72 -26.41 23.84
CA LEU F 19 22.91 -27.11 24.82
C LEU F 19 23.78 -27.49 26.02
N ASP F 20 23.16 -28.12 27.00
CA ASP F 20 23.89 -28.65 28.14
C ASP F 20 24.57 -29.95 27.74
N GLU F 21 25.77 -30.18 28.30
CA GLU F 21 26.48 -31.41 27.98
C GLU F 21 25.77 -32.63 28.57
N ASN F 22 25.29 -32.51 29.80
CA ASN F 22 24.50 -33.56 30.41
C ASN F 22 23.30 -33.90 29.54
N GLU F 23 22.66 -32.86 29.00
CA GLU F 23 21.51 -33.05 28.13
C GLU F 23 21.81 -34.03 27.00
N ILE F 24 22.87 -33.75 26.22
CA ILE F 24 23.11 -34.53 25.02
C ILE F 24 23.74 -35.88 25.36
N TRP F 25 24.55 -35.92 26.42
CA TRP F 25 25.08 -37.22 26.84
C TRP F 25 23.97 -38.14 27.33
N GLU F 26 22.89 -37.56 27.84
CA GLU F 26 21.70 -38.35 28.11
C GLU F 26 21.08 -38.86 26.82
N LYS F 27 21.45 -38.27 25.68
CA LYS F 27 20.84 -38.56 24.40
C LYS F 27 21.81 -39.24 23.45
N ARG F 28 22.53 -40.26 23.95
CA ARG F 28 23.46 -41.02 23.15
C ARG F 28 22.83 -41.57 21.87
N ASP F 29 21.63 -42.14 21.98
CA ASP F 29 21.06 -42.95 20.92
C ASP F 29 19.69 -42.46 20.46
N ALA F 30 19.49 -41.14 20.42
CA ALA F 30 18.35 -40.57 19.72
C ALA F 30 18.83 -39.71 18.56
N ASP F 31 18.05 -39.68 17.48
CA ASP F 31 18.51 -39.15 16.20
C ASP F 31 18.67 -37.63 16.24
N PHE F 32 19.56 -37.12 15.39
CA PHE F 32 19.80 -35.68 15.29
C PHE F 32 18.56 -34.92 14.82
N PHE F 33 18.14 -35.16 13.59
CA PHE F 33 17.20 -34.25 12.95
C PHE F 33 15.85 -34.19 13.66
N LYS F 34 15.27 -35.35 14.00
CA LYS F 34 13.94 -35.38 14.57
C LYS F 34 13.87 -34.63 15.91
N ASP F 35 14.84 -34.84 16.79
CA ASP F 35 14.72 -34.39 18.17
C ASP F 35 15.86 -33.50 18.67
N LEU F 36 17.05 -33.58 18.07
CA LEU F 36 18.22 -32.94 18.65
C LEU F 36 18.42 -31.50 18.17
N GLU F 37 17.42 -30.93 17.50
CA GLU F 37 17.43 -29.53 17.06
C GLU F 37 18.62 -29.25 16.14
N ILE F 38 18.67 -29.97 15.03
CA ILE F 38 19.81 -29.92 14.14
C ILE F 38 19.40 -30.28 12.72
N ASP F 39 20.03 -29.61 11.75
CA ASP F 39 19.86 -29.88 10.33
C ASP F 39 21.21 -30.19 9.70
N SER F 40 21.23 -30.23 8.37
CA SER F 40 22.47 -30.49 7.63
C SER F 40 23.57 -29.53 8.03
N LEU F 41 23.19 -28.33 8.46
CA LEU F 41 24.15 -27.25 8.63
C LEU F 41 24.91 -27.41 9.94
N LEU F 42 24.20 -27.71 11.02
CA LEU F 42 24.87 -28.07 12.26
C LEU F 42 25.71 -29.33 12.09
N ALA F 43 25.28 -30.24 11.22
CA ALA F 43 26.11 -31.40 10.89
C ALA F 43 27.42 -30.97 10.23
N LEU F 44 27.36 -29.96 9.36
CA LEU F 44 28.59 -29.40 8.82
C LEU F 44 29.45 -28.80 9.91
N GLU F 45 28.81 -28.18 10.91
CA GLU F 45 29.54 -27.64 12.05
C GLU F 45 30.29 -28.72 12.81
N ILE F 46 29.60 -29.79 13.20
CA ILE F 46 30.28 -30.91 13.87
C ILE F 46 31.41 -31.42 12.99
N LEU F 47 31.14 -31.61 11.70
CA LEU F 47 32.16 -32.18 10.83
C LEU F 47 33.43 -31.35 10.86
N ALA F 48 33.31 -30.04 10.62
CA ALA F 48 34.50 -29.19 10.54
C ALA F 48 35.20 -29.07 11.88
N LEU F 49 34.44 -28.81 12.95
CA LEU F 49 35.07 -28.55 14.23
C LEU F 49 35.75 -29.80 14.78
N ILE F 50 35.17 -30.99 14.55
CA ILE F 50 35.83 -32.20 15.02
C ILE F 50 37.02 -32.54 14.13
N GLU F 51 36.89 -32.30 12.82
CA GLU F 51 38.00 -32.53 11.90
C GLU F 51 39.21 -31.72 12.31
N LYS F 52 38.99 -30.52 12.83
CA LYS F 52 40.14 -29.70 13.22
C LYS F 52 40.59 -29.98 14.65
N LYS F 53 39.66 -30.36 15.55
CA LYS F 53 40.10 -30.66 16.91
C LYS F 53 40.98 -31.90 16.94
N PHE F 54 40.49 -33.02 16.42
CA PHE F 54 41.18 -34.30 16.59
C PHE F 54 42.09 -34.66 15.43
N LYS F 55 42.56 -33.67 14.68
CA LYS F 55 43.66 -33.82 13.73
C LYS F 55 43.41 -34.95 12.72
N VAL F 56 42.32 -34.79 11.98
CA VAL F 56 41.95 -35.74 10.95
C VAL F 56 41.39 -34.98 9.76
N GLN F 57 41.18 -35.70 8.68
CA GLN F 57 40.29 -35.30 7.59
C GLN F 57 39.45 -36.51 7.22
N ILE F 58 38.16 -36.42 7.50
CA ILE F 58 37.26 -37.56 7.33
C ILE F 58 36.76 -37.56 5.90
N PRO F 59 37.02 -38.62 5.12
CA PRO F 59 36.36 -38.76 3.83
C PRO F 59 34.85 -38.68 4.03
N GLU F 60 34.28 -37.56 3.60
CA GLU F 60 33.02 -37.10 4.18
C GLU F 60 31.81 -37.69 3.48
N GLU F 61 32.01 -38.70 2.64
CA GLU F 61 30.92 -39.63 2.38
C GLU F 61 30.39 -40.23 3.69
N LYS F 62 31.24 -40.28 4.72
CA LYS F 62 30.86 -40.61 6.08
C LYS F 62 29.74 -39.70 6.60
N LEU F 63 29.35 -38.69 5.82
CA LEU F 63 28.07 -38.03 6.05
C LEU F 63 26.95 -39.01 6.33
N VAL F 64 26.98 -40.19 5.67
CA VAL F 64 25.89 -41.15 5.83
C VAL F 64 25.88 -41.74 7.24
N ASP F 65 26.94 -41.50 8.00
CA ASP F 65 27.14 -42.11 9.32
C ASP F 65 26.96 -41.15 10.47
N ILE F 66 26.23 -40.05 10.28
CA ILE F 66 26.05 -39.06 11.35
C ILE F 66 24.56 -38.77 11.56
N THR F 67 23.96 -39.47 12.52
CA THR F 67 22.54 -39.33 12.81
C THR F 67 22.25 -38.97 14.26
N SER F 68 23.22 -39.12 15.15
CA SER F 68 23.00 -38.91 16.58
C SER F 68 24.35 -38.71 17.23
N LEU F 69 24.35 -38.66 18.55
CA LEU F 69 25.60 -38.71 19.28
C LEU F 69 26.30 -40.03 19.01
N ASN F 70 25.53 -41.12 18.94
CA ASN F 70 26.10 -42.44 18.74
C ASN F 70 26.75 -42.58 17.37
N ALA F 71 26.02 -42.22 16.32
CA ALA F 71 26.59 -42.29 14.98
C ALA F 71 27.85 -41.45 14.89
N THR F 72 27.82 -40.22 15.41
CA THR F 72 28.99 -39.36 15.37
C THR F 72 30.19 -39.98 16.08
N ILE F 73 30.00 -40.47 17.30
CA ILE F 73 31.12 -41.05 18.04
C ILE F 73 31.68 -42.28 17.33
N GLU F 74 30.80 -43.18 16.88
CA GLU F 74 31.26 -44.39 16.23
C GLU F 74 31.96 -44.07 14.92
N MET F 75 31.43 -43.11 14.16
CA MET F 75 32.04 -42.69 12.91
C MET F 75 33.42 -42.08 13.15
N THR F 76 33.53 -41.23 14.16
CA THR F 76 34.81 -40.61 14.46
C THR F 76 35.84 -41.65 14.87
N ARG F 77 35.45 -42.59 15.74
CA ARG F 77 36.41 -43.60 16.17
C ARG F 77 36.74 -44.56 15.05
N SER F 78 35.83 -44.76 14.10
CA SER F 78 36.18 -45.53 12.90
C SER F 78 37.15 -44.74 12.02
N THR F 79 37.03 -43.40 12.02
CA THR F 79 37.97 -42.57 11.31
C THR F 79 39.38 -42.71 11.87
N LEU F 80 39.52 -42.68 13.20
CA LEU F 80 40.86 -42.85 13.76
C LEU F 80 41.23 -44.33 13.88
N GLU F 81 40.29 -45.24 13.59
CA GLU F 81 40.67 -46.59 13.19
C GLU F 81 41.36 -46.57 11.84
N GLY F 82 40.88 -45.70 10.94
CA GLY F 82 41.68 -45.34 9.78
C GLY F 82 43.04 -44.81 10.14
N LYS F 83 43.13 -43.91 11.12
CA LYS F 83 44.40 -43.34 11.57
C LYS F 83 45.45 -44.42 11.87
#